data_2DPQ
# 
_entry.id   2DPQ 
# 
_audit_conform.dict_name       mmcif_pdbx.dic 
_audit_conform.dict_version    5.389 
_audit_conform.dict_location   http://mmcif.pdb.org/dictionaries/ascii/mmcif_pdbx.dic 
# 
loop_
_database_2.database_id 
_database_2.database_code 
_database_2.pdbx_database_accession 
_database_2.pdbx_DOI 
PDB   2DPQ         pdb_00002dpq 10.2210/pdb2dpq/pdb 
RCSB  RCSB025696   ?            ?                   
WWPDB D_1000025696 ?            ?                   
# 
loop_
_pdbx_audit_revision_history.ordinal 
_pdbx_audit_revision_history.data_content_type 
_pdbx_audit_revision_history.major_revision 
_pdbx_audit_revision_history.minor_revision 
_pdbx_audit_revision_history.revision_date 
1 'Structure model' 1 0 2007-04-24 
2 'Structure model' 1 1 2008-04-01 
3 'Structure model' 1 2 2011-07-13 
4 'Structure model' 1 3 2013-07-24 
5 'Structure model' 1 4 2017-10-11 
6 'Structure model' 1 5 2024-04-03 
# 
_pdbx_audit_revision_details.ordinal             1 
_pdbx_audit_revision_details.revision_ordinal    1 
_pdbx_audit_revision_details.data_content_type   'Structure model' 
_pdbx_audit_revision_details.provider            repository 
_pdbx_audit_revision_details.type                'Initial release' 
_pdbx_audit_revision_details.description         ? 
_pdbx_audit_revision_details.details             ? 
# 
loop_
_pdbx_audit_revision_group.ordinal 
_pdbx_audit_revision_group.revision_ordinal 
_pdbx_audit_revision_group.data_content_type 
_pdbx_audit_revision_group.group 
1 2 'Structure model' 'Version format compliance' 
2 3 'Structure model' 'Derived calculations'      
3 3 'Structure model' 'Version format compliance' 
4 4 'Structure model' 'Database references'       
5 5 'Structure model' 'Refinement description'    
6 6 'Structure model' 'Data collection'           
7 6 'Structure model' 'Database references'       
8 6 'Structure model' 'Derived calculations'      
9 6 'Structure model' 'Refinement description'    
# 
loop_
_pdbx_audit_revision_category.ordinal 
_pdbx_audit_revision_category.revision_ordinal 
_pdbx_audit_revision_category.data_content_type 
_pdbx_audit_revision_category.category 
1 5 'Structure model' software                      
2 6 'Structure model' chem_comp_atom                
3 6 'Structure model' chem_comp_bond                
4 6 'Structure model' database_2                    
5 6 'Structure model' pdbx_initial_refinement_model 
6 6 'Structure model' pdbx_struct_conn_angle        
7 6 'Structure model' struct_conn                   
8 6 'Structure model' struct_ref_seq_dif            
9 6 'Structure model' struct_site                   
# 
loop_
_pdbx_audit_revision_item.ordinal 
_pdbx_audit_revision_item.revision_ordinal 
_pdbx_audit_revision_item.data_content_type 
_pdbx_audit_revision_item.item 
1  5 'Structure model' '_software.classification'                    
2  5 'Structure model' '_software.contact_author'                    
3  5 'Structure model' '_software.contact_author_email'              
4  5 'Structure model' '_software.date'                              
5  5 'Structure model' '_software.language'                          
6  5 'Structure model' '_software.location'                          
7  5 'Structure model' '_software.name'                              
8  5 'Structure model' '_software.type'                              
9  5 'Structure model' '_software.version'                           
10 6 'Structure model' '_database_2.pdbx_DOI'                        
11 6 'Structure model' '_database_2.pdbx_database_accession'         
12 6 'Structure model' '_pdbx_struct_conn_angle.ptnr1_auth_comp_id'  
13 6 'Structure model' '_pdbx_struct_conn_angle.ptnr1_auth_seq_id'   
14 6 'Structure model' '_pdbx_struct_conn_angle.ptnr1_label_asym_id' 
15 6 'Structure model' '_pdbx_struct_conn_angle.ptnr1_label_atom_id' 
16 6 'Structure model' '_pdbx_struct_conn_angle.ptnr1_label_comp_id' 
17 6 'Structure model' '_pdbx_struct_conn_angle.ptnr1_label_seq_id'  
18 6 'Structure model' '_pdbx_struct_conn_angle.ptnr1_symmetry'      
19 6 'Structure model' '_pdbx_struct_conn_angle.ptnr2_auth_seq_id'   
20 6 'Structure model' '_pdbx_struct_conn_angle.ptnr2_label_asym_id' 
21 6 'Structure model' '_pdbx_struct_conn_angle.ptnr3_auth_comp_id'  
22 6 'Structure model' '_pdbx_struct_conn_angle.ptnr3_auth_seq_id'   
23 6 'Structure model' '_pdbx_struct_conn_angle.ptnr3_label_asym_id' 
24 6 'Structure model' '_pdbx_struct_conn_angle.ptnr3_label_atom_id' 
25 6 'Structure model' '_pdbx_struct_conn_angle.ptnr3_label_comp_id' 
26 6 'Structure model' '_pdbx_struct_conn_angle.ptnr3_label_seq_id'  
27 6 'Structure model' '_pdbx_struct_conn_angle.ptnr3_symmetry'      
28 6 'Structure model' '_pdbx_struct_conn_angle.value'               
29 6 'Structure model' '_struct_conn.pdbx_dist_value'                
30 6 'Structure model' '_struct_conn.pdbx_leaving_atom_flag'         
31 6 'Structure model' '_struct_conn.ptnr1_auth_comp_id'             
32 6 'Structure model' '_struct_conn.ptnr1_auth_seq_id'              
33 6 'Structure model' '_struct_conn.ptnr1_label_asym_id'            
34 6 'Structure model' '_struct_conn.ptnr1_label_atom_id'            
35 6 'Structure model' '_struct_conn.ptnr1_label_comp_id'            
36 6 'Structure model' '_struct_conn.ptnr1_label_seq_id'             
37 6 'Structure model' '_struct_conn.ptnr1_symmetry'                 
38 6 'Structure model' '_struct_conn.ptnr2_auth_comp_id'             
39 6 'Structure model' '_struct_conn.ptnr2_auth_seq_id'              
40 6 'Structure model' '_struct_conn.ptnr2_label_asym_id'            
41 6 'Structure model' '_struct_conn.ptnr2_label_atom_id'            
42 6 'Structure model' '_struct_conn.ptnr2_label_comp_id'            
43 6 'Structure model' '_struct_conn.ptnr2_label_seq_id'             
44 6 'Structure model' '_struct_conn.ptnr2_symmetry'                 
45 6 'Structure model' '_struct_ref_seq_dif.details'                 
46 6 'Structure model' '_struct_site.pdbx_auth_asym_id'              
47 6 'Structure model' '_struct_site.pdbx_auth_comp_id'              
48 6 'Structure model' '_struct_site.pdbx_auth_seq_id'               
# 
_pdbx_database_status.entry_id                        2DPQ 
_pdbx_database_status.deposit_site                    PDBJ 
_pdbx_database_status.process_site                    PDBJ 
_pdbx_database_status.recvd_initial_deposition_date   2006-05-13 
_pdbx_database_status.status_code                     REL 
_pdbx_database_status.status_code_sf                  REL 
_pdbx_database_status.status_code_mr                  ? 
_pdbx_database_status.SG_entry                        ? 
_pdbx_database_status.status_code_cs                  ? 
_pdbx_database_status.methods_development_category    ? 
_pdbx_database_status.pdb_format_compatible           Y 
_pdbx_database_status.status_code_nmr_data            ? 
# 
_pdbx_database_related.db_name        PDB 
_pdbx_database_related.db_id          2DPR 
_pdbx_database_related.details        'A different peptide, con-T(K7Gla) to calcium.' 
_pdbx_database_related.content_type   unspecified 
# 
loop_
_audit_author.name 
_audit_author.pdbx_ordinal 
'Cnudde, S.E.'     1 
'Prorok, M.'       2 
'Dai, Q.'          3 
'Castellino, F.J.' 4 
'Geiger, J.H.'     5 
# 
_citation.id                        primary 
_citation.title                     
;The crystal structures of the calcium-bound con-G and con-T[K7gamma] dimeric peptides demonstrate a metal-dependent helix-forming motif
;
_citation.journal_abbrev            J.Am.Chem.Soc. 
_citation.journal_volume            129 
_citation.page_first                1586 
_citation.page_last                 1593 
_citation.year                      2007 
_citation.journal_id_ASTM           JACSAT 
_citation.country                   US 
_citation.journal_id_ISSN           0002-7863 
_citation.journal_id_CSD            0004 
_citation.book_publisher            ? 
_citation.pdbx_database_id_PubMed   17243678 
_citation.pdbx_database_id_DOI      10.1021/ja065722q 
# 
loop_
_citation_author.citation_id 
_citation_author.name 
_citation_author.ordinal 
_citation_author.identifier_ORCID 
primary 'Cnudde, S.E.'     1 ? 
primary 'Prorok, M.'       2 ? 
primary 'Dai, Q.'          3 ? 
primary 'Castellino, F.J.' 4 ? 
primary 'Geiger, J.H.'     5 ? 
# 
loop_
_entity.id 
_entity.type 
_entity.src_method 
_entity.pdbx_description 
_entity.formula_weight 
_entity.pdbx_number_of_molecules 
_entity.pdbx_ec 
_entity.pdbx_mutation 
_entity.pdbx_fragment 
_entity.details 
1 polymer     syn Conantokin-G   2265.196 1  ? ? ? ? 
2 non-polymer syn 'CHLORIDE ION' 35.453   1  ? ? ? ? 
3 non-polymer syn 'CALCIUM ION'  40.078   3  ? ? ? ? 
4 water       nat water          18.015   67 ? ? ? ? 
# 
_entity_name_com.entity_id   1 
_entity_name_com.name        'Con-G, CGX-1007, Conotoxin GV, Sleeper peptide' 
# 
_entity_poly.entity_id                      1 
_entity_poly.type                           'polypeptide(L)' 
_entity_poly.nstd_linkage                   no 
_entity_poly.nstd_monomer                   yes 
_entity_poly.pdbx_seq_one_letter_code       'GE(CGU)(CGU)LQ(CGU)NQ(CGU)LIR(CGU)KSN(NH2)' 
_entity_poly.pdbx_seq_one_letter_code_can   GEEELQENQELIREKSNX 
_entity_poly.pdbx_strand_id                 A 
_entity_poly.pdbx_target_identifier         ? 
# 
loop_
_pdbx_entity_nonpoly.entity_id 
_pdbx_entity_nonpoly.name 
_pdbx_entity_nonpoly.comp_id 
2 'CHLORIDE ION' CL  
3 'CALCIUM ION'  CA  
4 water          HOH 
# 
loop_
_entity_poly_seq.entity_id 
_entity_poly_seq.num 
_entity_poly_seq.mon_id 
_entity_poly_seq.hetero 
1 1  GLY n 
1 2  GLU n 
1 3  CGU n 
1 4  CGU n 
1 5  LEU n 
1 6  GLN n 
1 7  CGU n 
1 8  ASN n 
1 9  GLN n 
1 10 CGU n 
1 11 LEU n 
1 12 ILE n 
1 13 ARG n 
1 14 CGU n 
1 15 LYS n 
1 16 SER n 
1 17 ASN n 
1 18 NH2 n 
# 
_pdbx_entity_src_syn.entity_id              1 
_pdbx_entity_src_syn.pdbx_src_id            1 
_pdbx_entity_src_syn.pdbx_alt_source_flag   sample 
_pdbx_entity_src_syn.pdbx_beg_seq_num       ? 
_pdbx_entity_src_syn.pdbx_end_seq_num       ? 
_pdbx_entity_src_syn.organism_scientific    'Conus geographus' 
_pdbx_entity_src_syn.organism_common_name   'Geography cone' 
_pdbx_entity_src_syn.ncbi_taxonomy_id       6491 
_pdbx_entity_src_syn.details                
'The con-G peptide was synthesized. The sequence of the peptide is naturally found in Conus geographus (geography cone)' 
# 
loop_
_chem_comp.id 
_chem_comp.type 
_chem_comp.mon_nstd_flag 
_chem_comp.name 
_chem_comp.pdbx_synonyms 
_chem_comp.formula 
_chem_comp.formula_weight 
ARG 'L-peptide linking' y ARGININE                      ? 'C6 H15 N4 O2 1' 175.209 
ASN 'L-peptide linking' y ASPARAGINE                    ? 'C4 H8 N2 O3'    132.118 
CA  non-polymer         . 'CALCIUM ION'                 ? 'Ca 2'           40.078  
CGU 'L-peptide linking' n 'GAMMA-CARBOXY-GLUTAMIC ACID' ? 'C6 H9 N O6'     191.139 
CL  non-polymer         . 'CHLORIDE ION'                ? 'Cl -1'          35.453  
GLN 'L-peptide linking' y GLUTAMINE                     ? 'C5 H10 N2 O3'   146.144 
GLU 'L-peptide linking' y 'GLUTAMIC ACID'               ? 'C5 H9 N O4'     147.129 
GLY 'peptide linking'   y GLYCINE                       ? 'C2 H5 N O2'     75.067  
HOH non-polymer         . WATER                         ? 'H2 O'           18.015  
ILE 'L-peptide linking' y ISOLEUCINE                    ? 'C6 H13 N O2'    131.173 
LEU 'L-peptide linking' y LEUCINE                       ? 'C6 H13 N O2'    131.173 
LYS 'L-peptide linking' y LYSINE                        ? 'C6 H15 N2 O2 1' 147.195 
NH2 non-polymer         . 'AMINO GROUP'                 ? 'H2 N'           16.023  
SER 'L-peptide linking' y SERINE                        ? 'C3 H7 N O3'     105.093 
# 
loop_
_pdbx_poly_seq_scheme.asym_id 
_pdbx_poly_seq_scheme.entity_id 
_pdbx_poly_seq_scheme.seq_id 
_pdbx_poly_seq_scheme.mon_id 
_pdbx_poly_seq_scheme.ndb_seq_num 
_pdbx_poly_seq_scheme.pdb_seq_num 
_pdbx_poly_seq_scheme.auth_seq_num 
_pdbx_poly_seq_scheme.pdb_mon_id 
_pdbx_poly_seq_scheme.auth_mon_id 
_pdbx_poly_seq_scheme.pdb_strand_id 
_pdbx_poly_seq_scheme.pdb_ins_code 
_pdbx_poly_seq_scheme.hetero 
A 1 1  GLY 1  1  1  GLY GLY A . n 
A 1 2  GLU 2  2  2  GLU GLU A . n 
A 1 3  CGU 3  3  3  CGU CGU A . n 
A 1 4  CGU 4  4  4  CGU CGU A . n 
A 1 5  LEU 5  5  5  LEU LEU A . n 
A 1 6  GLN 6  6  6  GLN GLN A . n 
A 1 7  CGU 7  7  7  CGU CGU A . n 
A 1 8  ASN 8  8  8  ASN ASN A . n 
A 1 9  GLN 9  9  9  GLN GLN A . n 
A 1 10 CGU 10 10 10 CGU CGU A . n 
A 1 11 LEU 11 11 11 LEU LEU A . n 
A 1 12 ILE 12 12 12 ILE ILE A . n 
A 1 13 ARG 13 13 13 ARG ARG A . n 
A 1 14 CGU 14 14 14 CGU CGU A . n 
A 1 15 LYS 15 15 15 LYS LYS A . n 
A 1 16 SER 16 16 16 SER SER A . n 
A 1 17 ASN 17 17 17 ASN ASN A . n 
A 1 18 NH2 18 18 17 NH2 ASN A . n 
# 
loop_
_pdbx_nonpoly_scheme.asym_id 
_pdbx_nonpoly_scheme.entity_id 
_pdbx_nonpoly_scheme.mon_id 
_pdbx_nonpoly_scheme.ndb_seq_num 
_pdbx_nonpoly_scheme.pdb_seq_num 
_pdbx_nonpoly_scheme.auth_seq_num 
_pdbx_nonpoly_scheme.pdb_mon_id 
_pdbx_nonpoly_scheme.auth_mon_id 
_pdbx_nonpoly_scheme.pdb_strand_id 
_pdbx_nonpoly_scheme.pdb_ins_code 
B 2 CL  1  104 104 CL  CL  A . 
C 3 CA  1  101 1   CA  CA  A . 
D 3 CA  1  102 2   CA  CA  A . 
E 3 CA  1  103 3   CA  CA  A . 
F 4 HOH 1  105 1   HOH HOH A . 
F 4 HOH 2  106 2   HOH HOH A . 
F 4 HOH 3  107 3   HOH HOH A . 
F 4 HOH 4  108 4   HOH HOH A . 
F 4 HOH 5  109 5   HOH HOH A . 
F 4 HOH 6  110 6   HOH HOH A . 
F 4 HOH 7  111 7   HOH HOH A . 
F 4 HOH 8  112 8   HOH HOH A . 
F 4 HOH 9  113 9   HOH HOH A . 
F 4 HOH 10 114 10  HOH HOH A . 
F 4 HOH 11 115 11  HOH HOH A . 
F 4 HOH 12 116 12  HOH HOH A . 
F 4 HOH 13 117 13  HOH HOH A . 
F 4 HOH 14 118 14  HOH HOH A . 
F 4 HOH 15 119 15  HOH HOH A . 
F 4 HOH 16 120 16  HOH HOH A . 
F 4 HOH 17 121 17  HOH HOH A . 
F 4 HOH 18 122 18  HOH HOH A . 
F 4 HOH 19 123 19  HOH HOH A . 
F 4 HOH 20 124 20  HOH HOH A . 
F 4 HOH 21 125 21  HOH HOH A . 
F 4 HOH 22 126 22  HOH HOH A . 
F 4 HOH 23 127 23  HOH HOH A . 
F 4 HOH 24 128 24  HOH HOH A . 
F 4 HOH 25 129 25  HOH HOH A . 
F 4 HOH 26 130 26  HOH HOH A . 
F 4 HOH 27 131 27  HOH HOH A . 
F 4 HOH 28 132 28  HOH HOH A . 
F 4 HOH 29 133 29  HOH HOH A . 
F 4 HOH 30 134 30  HOH HOH A . 
F 4 HOH 31 135 31  HOH HOH A . 
F 4 HOH 32 136 32  HOH HOH A . 
F 4 HOH 33 137 33  HOH HOH A . 
F 4 HOH 34 138 34  HOH HOH A . 
F 4 HOH 35 139 35  HOH HOH A . 
F 4 HOH 36 140 36  HOH HOH A . 
F 4 HOH 37 141 37  HOH HOH A . 
F 4 HOH 38 142 38  HOH HOH A . 
F 4 HOH 39 143 39  HOH HOH A . 
F 4 HOH 40 144 40  HOH HOH A . 
F 4 HOH 41 145 41  HOH HOH A . 
F 4 HOH 42 146 42  HOH HOH A . 
F 4 HOH 43 147 43  HOH HOH A . 
F 4 HOH 44 148 44  HOH HOH A . 
F 4 HOH 45 149 45  HOH HOH A . 
F 4 HOH 46 150 46  HOH HOH A . 
F 4 HOH 47 151 47  HOH HOH A . 
F 4 HOH 48 152 48  HOH HOH A . 
F 4 HOH 49 153 49  HOH HOH A . 
F 4 HOH 50 154 50  HOH HOH A . 
F 4 HOH 51 155 51  HOH HOH A . 
F 4 HOH 52 156 52  HOH HOH A . 
F 4 HOH 53 157 53  HOH HOH A . 
F 4 HOH 54 158 54  HOH HOH A . 
F 4 HOH 55 159 55  HOH HOH A . 
F 4 HOH 56 160 56  HOH HOH A . 
F 4 HOH 57 161 57  HOH HOH A . 
F 4 HOH 58 162 58  HOH HOH A . 
F 4 HOH 59 163 59  HOH HOH A . 
F 4 HOH 60 164 60  HOH HOH A . 
F 4 HOH 61 165 61  HOH HOH A . 
F 4 HOH 62 166 62  HOH HOH A . 
F 4 HOH 63 167 63  HOH HOH A . 
F 4 HOH 64 168 64  HOH HOH A . 
F 4 HOH 65 169 65  HOH HOH A . 
F 4 HOH 66 170 66  HOH HOH A . 
F 4 HOH 67 171 67  HOH HOH A . 
# 
loop_
_software.name 
_software.version 
_software.date 
_software.type 
_software.contact_author 
_software.contact_author_email 
_software.classification 
_software.location 
_software.language 
_software.citation_id 
_software.pdbx_ordinal 
DENZO       .     ?                package 'Zbyszek Otwinowski' zbyszek@mix.swmed.edu        'data reduction'  
http://www.lnls.br/infra/linhasluz/denzo-hkl.htm ?          ? 1 
SCALEPACK   .     ?                package 'Zbyszek Otwinowski' zbyszek@mix.swmed.edu        'data scaling'    
http://www.lnls.br/infra/linhasluz/denzo-hkl.htm ?          ? 2 
SHELX       .     ?                package 'George Sheldrick'   gsheldr@shelx.uni-ac.gwdg.de refinement        
http://shelx.uni-ac.gwdg.de/SHELX/               Fortran_77 ? 3 
PDB_EXTRACT 2.000 'April. 3, 2006' package PDB                  sw-help@rcsb.rutgers.edu     'data extraction' 
http://pdb.rutgers.edu/software/                 C++        ? 4 
PHASER      .     ?                ?       ?                    ?                            phasing           ? ?          ? 5 
SHELXL      .     ?                ?       ?                    ?                            refinement        ? ?          ? 6 
# 
_cell.length_a           29.334 
_cell.length_b           29.334 
_cell.length_c           46.892 
_cell.angle_alpha        90.000 
_cell.angle_beta         90.000 
_cell.angle_gamma        90.000 
_cell.entry_id           2DPQ 
_cell.pdbx_unique_axis   ? 
_cell.Z_PDB              8 
_cell.length_a_esd       ? 
_cell.length_b_esd       ? 
_cell.length_c_esd       ? 
_cell.angle_alpha_esd    ? 
_cell.angle_beta_esd     ? 
_cell.angle_gamma_esd    ? 
# 
_symmetry.space_group_name_H-M             'P 42 2 2' 
_symmetry.entry_id                         2DPQ 
_symmetry.Int_Tables_number                93 
_symmetry.pdbx_full_space_group_name_H-M   ? 
_symmetry.cell_setting                     ? 
_symmetry.space_group_name_Hall            ? 
# 
_exptl.crystals_number   1 
_exptl.entry_id          2DPQ 
_exptl.method            'X-RAY DIFFRACTION' 
# 
_exptl_crystal.id                    1 
_exptl_crystal.density_Matthews      2.23 
_exptl_crystal.density_meas          ? 
_exptl_crystal.density_percent_sol   44.76 
_exptl_crystal.description           ? 
_exptl_crystal.F_000                 ? 
_exptl_crystal.preparation           ? 
# 
_exptl_crystal_grow.crystal_id      1 
_exptl_crystal_grow.method          'VAPOR DIFFUSION, HANGING DROP' 
_exptl_crystal_grow.pH              8 
_exptl_crystal_grow.temp            ? 
_exptl_crystal_grow.temp_details    ? 
_exptl_crystal_grow.pdbx_details    '35% dioxane, pH 8, VAPOR DIFFUSION, HANGING DROP' 
_exptl_crystal_grow.pdbx_pH_range   . 
# 
_diffrn.id                     1 
_diffrn.ambient_temp           277 
_diffrn.ambient_temp_details   ? 
_diffrn.crystal_id             1 
# 
_diffrn_detector.diffrn_id              1 
_diffrn_detector.detector               CCD 
_diffrn_detector.type                   'MAR CCD 165 mm' 
_diffrn_detector.pdbx_collection_date   2003-05-12 
_diffrn_detector.details                ? 
# 
_diffrn_radiation.diffrn_id                        1 
_diffrn_radiation.wavelength_id                    1 
_diffrn_radiation.pdbx_diffrn_protocol             'SINGLE WAVELENGTH' 
_diffrn_radiation.monochromator                    ? 
_diffrn_radiation.pdbx_monochromatic_or_laue_m_l   M 
_diffrn_radiation.pdbx_scattering_type             x-ray 
# 
_diffrn_radiation_wavelength.id           1 
_diffrn_radiation_wavelength.wavelength   1.0 
_diffrn_radiation_wavelength.wt           1.0 
# 
_diffrn_source.diffrn_id                   1 
_diffrn_source.source                      SYNCHROTRON 
_diffrn_source.type                        'APS BEAMLINE 32-ID' 
_diffrn_source.pdbx_wavelength             ? 
_diffrn_source.pdbx_wavelength_list        1.0 
_diffrn_source.pdbx_synchrotron_site       APS 
_diffrn_source.pdbx_synchrotron_beamline   32-ID 
# 
_reflns.entry_id                     2DPQ 
_reflns.d_resolution_high            1.200 
_reflns.d_resolution_low             50.000 
_reflns.number_obs                   12427 
_reflns.pdbx_Rmerge_I_obs            0.081 
_reflns.pdbx_netI_over_sigmaI        7.100 
_reflns.pdbx_chi_squared             1.036 
_reflns.percent_possible_obs         98.000 
_reflns.observed_criterion_sigma_F   0.0 
_reflns.observed_criterion_sigma_I   -3.0 
_reflns.number_all                   ? 
_reflns.pdbx_Rsym_value              ? 
_reflns.B_iso_Wilson_estimate        ? 
_reflns.pdbx_redundancy              ? 
_reflns.R_free_details               ? 
_reflns.limit_h_max                  ? 
_reflns.limit_h_min                  ? 
_reflns.limit_k_max                  ? 
_reflns.limit_k_min                  ? 
_reflns.limit_l_max                  ? 
_reflns.limit_l_min                  ? 
_reflns.observed_criterion_F_max     ? 
_reflns.observed_criterion_F_min     ? 
_reflns.pdbx_scaling_rejects         ? 
_reflns.pdbx_ordinal                 1 
_reflns.pdbx_diffrn_id               1 
# 
_reflns_shell.d_res_high             1.20 
_reflns_shell.d_res_low              1.24 
_reflns_shell.number_measured_obs    ? 
_reflns_shell.number_measured_all    ? 
_reflns_shell.number_unique_obs      ? 
_reflns_shell.Rmerge_I_obs           0.923 
_reflns_shell.meanI_over_sigI_obs    ? 
_reflns_shell.pdbx_Rsym_value        ? 
_reflns_shell.pdbx_chi_squared       0.353 
_reflns_shell.pdbx_redundancy        ? 
_reflns_shell.percent_possible_obs   ? 
_reflns_shell.number_unique_all      611 
_reflns_shell.percent_possible_all   94.40 
_reflns_shell.pdbx_ordinal           1 
_reflns_shell.pdbx_diffrn_id         1 
# 
_refine.entry_id                                 2DPQ 
_refine.B_iso_mean                               27.161 
_refine.ls_d_res_high                            1.25 
_refine.ls_d_res_low                             8.0 
_refine.pdbx_ls_sigma_F                          2.0 
_refine.pdbx_ls_sigma_I                          ? 
_refine.ls_number_reflns_all                     ? 
_refine.ls_number_reflns_obs                     6727 
_refine.ls_number_reflns_R_free                  ? 
_refine.ls_percent_reflns_obs                    ? 
_refine.ls_R_factor_all                          0.121 
_refine.ls_R_factor_obs                          0.119 
_refine.ls_R_factor_R_work                       0.119 
_refine.ls_R_factor_R_free                       0.161 
_refine.ls_redundancy_reflns_obs                 ? 
_refine.pdbx_data_cutoff_high_absF               ? 
_refine.pdbx_data_cutoff_low_absF                ? 
_refine.ls_number_parameters                     ? 
_refine.ls_number_restraints                     ? 
_refine.ls_percent_reflns_R_free                 ? 
_refine.ls_R_factor_R_free_error                 ? 
_refine.ls_R_factor_R_free_error_details         ? 
_refine.pdbx_method_to_determine_struct          'MOLECULAR REPLACEMENT' 
_refine.pdbx_starting_model                      '14-mer polyalanine helix' 
_refine.pdbx_ls_cross_valid_method               ? 
_refine.pdbx_R_Free_selection_details            Random 
_refine.pdbx_stereochem_target_val_spec_case     ? 
_refine.pdbx_stereochemistry_target_values       'Engh & Huber' 
_refine.solvent_model_details                    ? 
_refine.solvent_model_param_bsol                 ? 
_refine.solvent_model_param_ksol                 ? 
_refine.occupancy_max                            ? 
_refine.occupancy_min                            ? 
_refine.pdbx_isotropic_thermal_model             ? 
_refine.aniso_B[1][1]                            ? 
_refine.aniso_B[1][2]                            ? 
_refine.aniso_B[1][3]                            ? 
_refine.aniso_B[2][2]                            ? 
_refine.aniso_B[2][3]                            ? 
_refine.aniso_B[3][3]                            ? 
_refine.details                                  ? 
_refine.B_iso_min                                ? 
_refine.B_iso_max                                ? 
_refine.correlation_coeff_Fo_to_Fc               ? 
_refine.correlation_coeff_Fo_to_Fc_free          ? 
_refine.pdbx_solvent_vdw_probe_radii             ? 
_refine.pdbx_solvent_ion_probe_radii             ? 
_refine.pdbx_solvent_shrinkage_radii             ? 
_refine.overall_SU_R_Cruickshank_DPI             ? 
_refine.overall_SU_R_free                        ? 
_refine.overall_SU_ML                            ? 
_refine.overall_SU_B                             ? 
_refine.pdbx_overall_ESU_R_Free                  ? 
_refine.pdbx_data_cutoff_high_rms_absF           ? 
_refine.pdbx_overall_ESU_R                       ? 
_refine.ls_wR_factor_R_free                      ? 
_refine.ls_wR_factor_R_work                      ? 
_refine.overall_FOM_free_R_set                   ? 
_refine.overall_FOM_work_R_set                   ? 
_refine.pdbx_refine_id                           'X-RAY DIFFRACTION' 
_refine.pdbx_diffrn_id                           1 
_refine.pdbx_overall_phase_error                 ? 
_refine.pdbx_TLS_residual_ADP_flag               ? 
_refine.pdbx_overall_SU_R_free_Cruickshank_DPI   ? 
_refine.pdbx_overall_SU_R_Blow_DPI               ? 
_refine.pdbx_overall_SU_R_free_Blow_DPI          ? 
# 
_refine_hist.pdbx_refine_id                   'X-RAY DIFFRACTION' 
_refine_hist.cycle_id                         LAST 
_refine_hist.pdbx_number_atoms_protein        158 
_refine_hist.pdbx_number_atoms_nucleic_acid   0 
_refine_hist.pdbx_number_atoms_ligand         4 
_refine_hist.number_atoms_solvent             67 
_refine_hist.number_atoms_total               229 
_refine_hist.d_res_high                       1.25 
_refine_hist.d_res_low                        8.0 
# 
loop_
_refine_ls_restr.type 
_refine_ls_restr.dev_ideal 
_refine_ls_restr.dev_ideal_target 
_refine_ls_restr.number 
_refine_ls_restr.weight 
_refine_ls_restr.pdbx_refine_id 
_refine_ls_restr.pdbx_restraint_function 
x_bond_d  0.010 ? ? ? 'X-RAY DIFFRACTION' ? 
x_angle_d 0.024 ? ? ? 'X-RAY DIFFRACTION' ? 
# 
_struct.entry_id                  2DPQ 
_struct.title                     
;The crystal structures of the calcium-bound con-G and con-T(K7gamma) dimeric peptides demonstrate a novel metal-dependent helix-forming motif
;
_struct.pdbx_model_details        ? 
_struct.pdbx_CASP_flag            ? 
_struct.pdbx_model_type_details   ? 
# 
_struct_keywords.entry_id        2DPQ 
_struct_keywords.pdbx_keywords   'METAL BINDING PROTEIN' 
_struct_keywords.text            'conantoxin, con-G, NMDAR antagonist, Gla-containing, METAL BINDING PROTEIN' 
# 
loop_
_struct_asym.id 
_struct_asym.pdbx_blank_PDB_chainid_flag 
_struct_asym.pdbx_modified 
_struct_asym.entity_id 
_struct_asym.details 
A N N 1 ? 
B N N 2 ? 
C N N 3 ? 
D N N 3 ? 
E N N 3 ? 
F N N 4 ? 
# 
_struct_ref.id                         1 
_struct_ref.db_name                    UNP 
_struct_ref.db_code                    CKG_CONGE 
_struct_ref.pdbx_db_accession          P07231 
_struct_ref.entity_id                  1 
_struct_ref.pdbx_seq_one_letter_code   GEEELQENQELIREKSN 
_struct_ref.pdbx_align_begin           81 
_struct_ref.pdbx_db_isoform            ? 
# 
_struct_ref_seq.align_id                      1 
_struct_ref_seq.ref_id                        1 
_struct_ref_seq.pdbx_PDB_id_code              2DPQ 
_struct_ref_seq.pdbx_strand_id                A 
_struct_ref_seq.seq_align_beg                 1 
_struct_ref_seq.pdbx_seq_align_beg_ins_code   ? 
_struct_ref_seq.seq_align_end                 17 
_struct_ref_seq.pdbx_seq_align_end_ins_code   ? 
_struct_ref_seq.pdbx_db_accession             P07231 
_struct_ref_seq.db_align_beg                  81 
_struct_ref_seq.pdbx_db_align_beg_ins_code    ? 
_struct_ref_seq.db_align_end                  97 
_struct_ref_seq.pdbx_db_align_end_ins_code    ? 
_struct_ref_seq.pdbx_auth_seq_align_beg       1 
_struct_ref_seq.pdbx_auth_seq_align_end       17 
# 
_struct_ref_seq_dif.align_id                     1 
_struct_ref_seq_dif.pdbx_pdb_id_code             2DPQ 
_struct_ref_seq_dif.mon_id                       NH2 
_struct_ref_seq_dif.pdbx_pdb_strand_id           A 
_struct_ref_seq_dif.seq_num                      18 
_struct_ref_seq_dif.pdbx_pdb_ins_code            ? 
_struct_ref_seq_dif.pdbx_seq_db_name             UNP 
_struct_ref_seq_dif.pdbx_seq_db_accession_code   P07231 
_struct_ref_seq_dif.db_mon_id                    ? 
_struct_ref_seq_dif.pdbx_seq_db_seq_num          ? 
_struct_ref_seq_dif.details                      amidation 
_struct_ref_seq_dif.pdbx_auth_seq_num            18 
_struct_ref_seq_dif.pdbx_ordinal                 1 
# 
loop_
_pdbx_struct_assembly.id 
_pdbx_struct_assembly.details 
_pdbx_struct_assembly.method_details 
_pdbx_struct_assembly.oligomeric_details 
_pdbx_struct_assembly.oligomeric_count 
1 author_defined_assembly   ?    dimeric    2 
2 software_defined_assembly PISA dimeric    2 
3 software_defined_assembly PQS  tetrameric 4 
# 
loop_
_pdbx_struct_assembly_prop.biol_id 
_pdbx_struct_assembly_prop.type 
_pdbx_struct_assembly_prop.value 
_pdbx_struct_assembly_prop.details 
2 'ABSA (A^2)' 1490 ? 
2 MORE         -76  ? 
2 'SSA (A^2)'  3170 ? 
# 
loop_
_pdbx_struct_assembly_gen.assembly_id 
_pdbx_struct_assembly_gen.oper_expression 
_pdbx_struct_assembly_gen.asym_id_list 
1 1,2     A,B,C,D,E,F 
2 1,3     A,B,C,D,E,F 
3 1,2,4,5 A,B,C,D,E,F 
# 
loop_
_pdbx_struct_oper_list.id 
_pdbx_struct_oper_list.type 
_pdbx_struct_oper_list.name 
_pdbx_struct_oper_list.symmetry_operation 
_pdbx_struct_oper_list.matrix[1][1] 
_pdbx_struct_oper_list.matrix[1][2] 
_pdbx_struct_oper_list.matrix[1][3] 
_pdbx_struct_oper_list.vector[1] 
_pdbx_struct_oper_list.matrix[2][1] 
_pdbx_struct_oper_list.matrix[2][2] 
_pdbx_struct_oper_list.matrix[2][3] 
_pdbx_struct_oper_list.vector[2] 
_pdbx_struct_oper_list.matrix[3][1] 
_pdbx_struct_oper_list.matrix[3][2] 
_pdbx_struct_oper_list.matrix[3][3] 
_pdbx_struct_oper_list.vector[3] 
1 'identity operation'         1_555 x,y,z            1.0000000000  0.0000000000  0.0000000000  0.0000000000   0.0000000000  1.0000000000  0.0000000000  0.0000000000   0.0000000000  0.0000000000  1.0000000000  0.0000000000  
2 'crystal symmetry operation' 2_765 -x+2,-y+1,z      0.8282803089  -0.3267840324 -0.4551526404 0.5241912884   -0.3267840324 -0.9415911207 0.0813532884  9.1384214978   -0.4551526404 0.0813532884  -0.8866891881 -4.4554758916 
3 'crystal symmetry operation' 8_777 -y+2,-x+2,-z+5/2 -0.9483676480 -0.1200363613 0.2935814643  -1.3629068955  -0.1200363613 -0.7209360511 -0.6825265432 -12.8958505906 0.2935814643  -0.6825265432 0.6693036991  -5.0330183346 
4 'crystal symmetry operation' 5_757 -x+2,y,-z+2      -0.8353975880 0.2183530177  0.5044133519  -19.8032428917 0.2183530177  -0.7103442181 0.6691285762  12.8964414501  0.5044133519  0.6691285762  0.5457418061  0.8796052577  
5 'crystal symmetry operation' 6_567 x,-y+1,-z+2      -0.9928827208 0.1084310147  -0.0492607115 -20.4931506472 0.1084310147  0.6519353388  -0.7504818646 3.5381890869   -0.0492607115 -0.7504818646 -0.6590526179 4.8272538482  
# 
_struct_biol.id                    1 
_struct_biol.details               'In the presence of calcium, con-G forms an antiparallel dimeric structure.' 
_struct_biol.pdbx_parent_biol_id   ? 
# 
_struct_conf.conf_type_id            HELX_P 
_struct_conf.id                      HELX_P1 
_struct_conf.pdbx_PDB_helix_id       1 
_struct_conf.beg_label_comp_id       GLY 
_struct_conf.beg_label_asym_id       A 
_struct_conf.beg_label_seq_id        1 
_struct_conf.pdbx_beg_PDB_ins_code   ? 
_struct_conf.end_label_comp_id       ASN 
_struct_conf.end_label_asym_id       A 
_struct_conf.end_label_seq_id        17 
_struct_conf.pdbx_end_PDB_ins_code   ? 
_struct_conf.beg_auth_comp_id        GLY 
_struct_conf.beg_auth_asym_id        A 
_struct_conf.beg_auth_seq_id         1 
_struct_conf.end_auth_comp_id        ASN 
_struct_conf.end_auth_asym_id        A 
_struct_conf.end_auth_seq_id         17 
_struct_conf.pdbx_PDB_helix_class    1 
_struct_conf.details                 ? 
_struct_conf.pdbx_PDB_helix_length   17 
# 
_struct_conf_type.id          HELX_P 
_struct_conf_type.criteria    ? 
_struct_conf_type.reference   ? 
# 
loop_
_struct_conn.id 
_struct_conn.conn_type_id 
_struct_conn.pdbx_leaving_atom_flag 
_struct_conn.pdbx_PDB_id 
_struct_conn.ptnr1_label_asym_id 
_struct_conn.ptnr1_label_comp_id 
_struct_conn.ptnr1_label_seq_id 
_struct_conn.ptnr1_label_atom_id 
_struct_conn.pdbx_ptnr1_label_alt_id 
_struct_conn.pdbx_ptnr1_PDB_ins_code 
_struct_conn.pdbx_ptnr1_standard_comp_id 
_struct_conn.ptnr1_symmetry 
_struct_conn.ptnr2_label_asym_id 
_struct_conn.ptnr2_label_comp_id 
_struct_conn.ptnr2_label_seq_id 
_struct_conn.ptnr2_label_atom_id 
_struct_conn.pdbx_ptnr2_label_alt_id 
_struct_conn.pdbx_ptnr2_PDB_ins_code 
_struct_conn.ptnr1_auth_asym_id 
_struct_conn.ptnr1_auth_comp_id 
_struct_conn.ptnr1_auth_seq_id 
_struct_conn.ptnr2_auth_asym_id 
_struct_conn.ptnr2_auth_comp_id 
_struct_conn.ptnr2_auth_seq_id 
_struct_conn.ptnr2_symmetry 
_struct_conn.pdbx_ptnr3_label_atom_id 
_struct_conn.pdbx_ptnr3_label_seq_id 
_struct_conn.pdbx_ptnr3_label_comp_id 
_struct_conn.pdbx_ptnr3_label_asym_id 
_struct_conn.pdbx_ptnr3_label_alt_id 
_struct_conn.pdbx_ptnr3_PDB_ins_code 
_struct_conn.details 
_struct_conn.pdbx_dist_value 
_struct_conn.pdbx_value_order 
_struct_conn.pdbx_role 
covale1  covale both ? A GLU 2  C    ? ? ? 1_555 A CGU 3  N  ? ? A GLU 2   A CGU 3   1_555 ? ? ? ? ? ? ? 1.323 ? ? 
covale2  covale both ? A CGU 3  C    ? ? ? 1_555 A CGU 4  N  ? ? A CGU 3   A CGU 4   1_555 ? ? ? ? ? ? ? 1.331 ? ? 
covale3  covale both ? A CGU 4  C    ? ? ? 1_555 A LEU 5  N  ? ? A CGU 4   A LEU 5   1_555 ? ? ? ? ? ? ? 1.337 ? ? 
covale4  covale both ? A GLN 6  C    ? ? ? 1_555 A CGU 7  N  ? ? A GLN 6   A CGU 7   1_555 ? ? ? ? ? ? ? 1.325 ? ? 
covale5  covale both ? A CGU 7  C    ? ? ? 1_555 A ASN 8  N  ? ? A CGU 7   A ASN 8   1_555 ? ? ? ? ? ? ? 1.335 ? ? 
covale6  covale both ? A GLN 9  C    ? ? ? 1_555 A CGU 10 N  ? ? A GLN 9   A CGU 10  1_555 ? ? ? ? ? ? ? 1.336 ? ? 
covale7  covale both ? A CGU 10 C    ? ? ? 1_555 A LEU 11 N  ? ? A CGU 10  A LEU 11  1_555 ? ? ? ? ? ? ? 1.358 ? ? 
covale8  covale both ? A ARG 13 C    ? ? ? 1_555 A CGU 14 N  ? ? A ARG 13  A CGU 14  1_555 ? ? ? ? ? ? ? 1.336 ? ? 
covale9  covale both ? A CGU 14 C    ? ? ? 1_555 A LYS 15 N  ? ? A CGU 14  A LYS 15  1_555 ? ? ? ? ? ? ? 1.326 ? ? 
covale10 covale both ? A ASN 17 C    ? ? ? 1_555 A NH2 18 N  ? ? A ASN 17  A NH2 18  1_555 ? ? ? ? ? ? ? 1.307 ? ? 
metalc1  metalc ?    ? A CGU 3  OE22 ? ? ? 1_555 D CA  .  CA ? ? A CGU 3   A CA  102 1_555 ? ? ? ? ? ? ? 2.426 ? ? 
metalc2  metalc ?    ? A CGU 3  OE21 ? ? ? 1_555 D CA  .  CA ? ? A CGU 3   A CA  102 1_555 ? ? ? ? ? ? ? 2.598 ? ? 
metalc3  metalc ?    ? A CGU 3  OE12 ? ? ? 1_555 E CA  .  CA ? ? A CGU 3   A CA  103 1_555 ? ? ? ? ? ? ? 2.353 ? ? 
metalc4  metalc ?    ? A CGU 3  OE21 ? ? ? 1_555 E CA  .  CA ? ? A CGU 3   A CA  103 1_555 ? ? ? ? ? ? ? 2.326 ? ? 
metalc5  metalc ?    ? A GLN 6  OE1  ? ? ? 1_555 D CA  .  CA ? ? A GLN 6   A CA  102 1_555 ? ? ? ? ? ? ? 2.271 ? ? 
metalc6  metalc ?    ? A CGU 7  OE11 ? ? ? 1_555 C CA  .  CA ? ? A CGU 7   A CA  101 1_555 ? ? ? ? ? ? ? 2.555 ? ? 
metalc7  metalc ?    ? A CGU 7  OE12 ? ? ? 1_555 C CA  .  CA ? ? A CGU 7   A CA  101 1_555 ? ? ? ? ? ? ? 2.480 ? ? 
metalc8  metalc ?    ? A CGU 7  OE11 ? ? ? 8_777 C CA  .  CA ? ? A CGU 7   A CA  101 1_555 ? ? ? ? ? ? ? 2.555 ? ? 
metalc9  metalc ?    ? A CGU 7  OE12 ? ? ? 8_777 C CA  .  CA ? ? A CGU 7   A CA  101 1_555 ? ? ? ? ? ? ? 2.480 ? ? 
metalc10 metalc ?    ? A CGU 7  OE22 ? ? ? 1_555 E CA  .  CA ? ? A CGU 7   A CA  103 1_555 ? ? ? ? ? ? ? 2.378 ? ? 
metalc11 metalc ?    ? A CGU 7  OE11 ? ? ? 1_555 E CA  .  CA ? ? A CGU 7   A CA  103 1_555 ? ? ? ? ? ? ? 2.317 ? ? 
metalc12 metalc ?    ? A CGU 10 OE11 ? ? ? 1_555 C CA  .  CA ? ? A CGU 10  A CA  101 1_555 ? ? ? ? ? ? ? 2.294 ? ? 
metalc13 metalc ?    ? A CGU 10 OE11 ? ? ? 8_777 C CA  .  CA ? ? A CGU 10  A CA  101 1_555 ? ? ? ? ? ? ? 2.294 ? ? 
metalc14 metalc ?    ? A CGU 10 OE12 ? ? ? 8_777 D CA  .  CA ? ? A CGU 10  A CA  102 1_555 ? ? ? ? ? ? ? 2.315 ? ? 
metalc15 metalc ?    ? A CGU 10 OE21 ? ? ? 8_777 D CA  .  CA ? ? A CGU 10  A CA  102 1_555 ? ? ? ? ? ? ? 2.385 ? ? 
metalc16 metalc ?    ? A CGU 14 OE11 ? ? ? 8_777 D CA  .  CA ? ? A CGU 14  A CA  102 1_555 ? ? ? ? ? ? ? 2.386 ? ? 
metalc17 metalc ?    ? A CGU 14 OE21 ? ? ? 8_777 D CA  .  CA ? ? A CGU 14  A CA  102 1_555 ? ? ? ? ? ? ? 2.359 ? ? 
metalc18 metalc ?    ? C CA  .  CA   ? ? ? 1_555 F HOH .  O  ? ? A CA  101 A HOH 137 1_555 ? ? ? ? ? ? ? 2.498 ? ? 
metalc19 metalc ?    ? C CA  .  CA   ? ? ? 1_555 F HOH .  O  ? ? A CA  101 A HOH 137 8_777 ? ? ? ? ? ? ? 2.498 ? ? 
metalc20 metalc ?    ? E CA  .  CA   ? ? ? 1_555 F HOH .  O  ? ? A CA  103 A HOH 133 8_777 ? ? ? ? ? ? ? 2.763 ? ? 
metalc21 metalc ?    ? E CA  .  CA   ? ? ? 1_555 F HOH .  O  ? ? A CA  103 A HOH 136 8_777 ? ? ? ? ? ? ? 2.312 ? ? 
metalc22 metalc ?    ? E CA  .  CA   ? ? ? 1_555 F HOH .  O  ? ? A CA  103 A HOH 141 1_555 ? ? ? ? ? ? ? 2.620 ? ? 
# 
loop_
_struct_conn_type.id 
_struct_conn_type.criteria 
_struct_conn_type.reference 
covale ? ? 
metalc ? ? 
# 
loop_
_pdbx_struct_conn_angle.id 
_pdbx_struct_conn_angle.ptnr1_label_atom_id 
_pdbx_struct_conn_angle.ptnr1_label_alt_id 
_pdbx_struct_conn_angle.ptnr1_label_asym_id 
_pdbx_struct_conn_angle.ptnr1_label_comp_id 
_pdbx_struct_conn_angle.ptnr1_label_seq_id 
_pdbx_struct_conn_angle.ptnr1_auth_atom_id 
_pdbx_struct_conn_angle.ptnr1_auth_asym_id 
_pdbx_struct_conn_angle.ptnr1_auth_comp_id 
_pdbx_struct_conn_angle.ptnr1_auth_seq_id 
_pdbx_struct_conn_angle.ptnr1_PDB_ins_code 
_pdbx_struct_conn_angle.ptnr1_symmetry 
_pdbx_struct_conn_angle.ptnr2_label_atom_id 
_pdbx_struct_conn_angle.ptnr2_label_alt_id 
_pdbx_struct_conn_angle.ptnr2_label_asym_id 
_pdbx_struct_conn_angle.ptnr2_label_comp_id 
_pdbx_struct_conn_angle.ptnr2_label_seq_id 
_pdbx_struct_conn_angle.ptnr2_auth_atom_id 
_pdbx_struct_conn_angle.ptnr2_auth_asym_id 
_pdbx_struct_conn_angle.ptnr2_auth_comp_id 
_pdbx_struct_conn_angle.ptnr2_auth_seq_id 
_pdbx_struct_conn_angle.ptnr2_PDB_ins_code 
_pdbx_struct_conn_angle.ptnr2_symmetry 
_pdbx_struct_conn_angle.ptnr3_label_atom_id 
_pdbx_struct_conn_angle.ptnr3_label_alt_id 
_pdbx_struct_conn_angle.ptnr3_label_asym_id 
_pdbx_struct_conn_angle.ptnr3_label_comp_id 
_pdbx_struct_conn_angle.ptnr3_label_seq_id 
_pdbx_struct_conn_angle.ptnr3_auth_atom_id 
_pdbx_struct_conn_angle.ptnr3_auth_asym_id 
_pdbx_struct_conn_angle.ptnr3_auth_comp_id 
_pdbx_struct_conn_angle.ptnr3_auth_seq_id 
_pdbx_struct_conn_angle.ptnr3_PDB_ins_code 
_pdbx_struct_conn_angle.ptnr3_symmetry 
_pdbx_struct_conn_angle.value 
_pdbx_struct_conn_angle.value_esd 
1  OE22 ? A CGU 3  ? A CGU 3   ? 1_555 CA ? D CA . ? A CA 102 ? 1_555 OE21 ? A CGU 3  ? A CGU 3   ? 1_555 50.6  ? 
2  OE22 ? A CGU 3  ? A CGU 3   ? 1_555 CA ? D CA . ? A CA 102 ? 1_555 OE1  ? A GLN 6  ? A GLN 6   ? 1_555 84.6  ? 
3  OE21 ? A CGU 3  ? A CGU 3   ? 1_555 CA ? D CA . ? A CA 102 ? 1_555 OE1  ? A GLN 6  ? A GLN 6   ? 1_555 104.8 ? 
4  OE22 ? A CGU 3  ? A CGU 3   ? 1_555 CA ? D CA . ? A CA 102 ? 1_555 OE12 ? A CGU 10 ? A CGU 10  ? 8_777 122.7 ? 
5  OE21 ? A CGU 3  ? A CGU 3   ? 1_555 CA ? D CA . ? A CA 102 ? 1_555 OE12 ? A CGU 10 ? A CGU 10  ? 8_777 73.8  ? 
6  OE1  ? A GLN 6  ? A GLN 6   ? 1_555 CA ? D CA . ? A CA 102 ? 1_555 OE12 ? A CGU 10 ? A CGU 10  ? 8_777 98.7  ? 
7  OE22 ? A CGU 3  ? A CGU 3   ? 1_555 CA ? D CA . ? A CA 102 ? 1_555 OE21 ? A CGU 10 ? A CGU 10  ? 8_777 164.2 ? 
8  OE21 ? A CGU 3  ? A CGU 3   ? 1_555 CA ? D CA . ? A CA 102 ? 1_555 OE21 ? A CGU 10 ? A CGU 10  ? 8_777 145.1 ? 
9  OE1  ? A GLN 6  ? A GLN 6   ? 1_555 CA ? D CA . ? A CA 102 ? 1_555 OE21 ? A CGU 10 ? A CGU 10  ? 8_777 89.7  ? 
10 OE12 ? A CGU 10 ? A CGU 10  ? 8_777 CA ? D CA . ? A CA 102 ? 1_555 OE21 ? A CGU 10 ? A CGU 10  ? 8_777 72.7  ? 
11 OE22 ? A CGU 3  ? A CGU 3   ? 1_555 CA ? D CA . ? A CA 102 ? 1_555 OE11 ? A CGU 14 ? A CGU 14  ? 8_777 83.7  ? 
12 OE21 ? A CGU 3  ? A CGU 3   ? 1_555 CA ? D CA . ? A CA 102 ? 1_555 OE11 ? A CGU 14 ? A CGU 14  ? 8_777 129.2 ? 
13 OE1  ? A GLN 6  ? A GLN 6   ? 1_555 CA ? D CA . ? A CA 102 ? 1_555 OE11 ? A CGU 14 ? A CGU 14  ? 8_777 89.4  ? 
14 OE12 ? A CGU 10 ? A CGU 10  ? 8_777 CA ? D CA . ? A CA 102 ? 1_555 OE11 ? A CGU 14 ? A CGU 14  ? 8_777 152.8 ? 
15 OE21 ? A CGU 10 ? A CGU 10  ? 8_777 CA ? D CA . ? A CA 102 ? 1_555 OE11 ? A CGU 14 ? A CGU 14  ? 8_777 81.5  ? 
16 OE22 ? A CGU 3  ? A CGU 3   ? 1_555 CA ? D CA . ? A CA 102 ? 1_555 OE21 ? A CGU 14 ? A CGU 14  ? 8_777 92.6  ? 
17 OE21 ? A CGU 3  ? A CGU 3   ? 1_555 CA ? D CA . ? A CA 102 ? 1_555 OE21 ? A CGU 14 ? A CGU 14  ? 8_777 82.6  ? 
18 OE1  ? A GLN 6  ? A GLN 6   ? 1_555 CA ? D CA . ? A CA 102 ? 1_555 OE21 ? A CGU 14 ? A CGU 14  ? 8_777 167.3 ? 
19 OE12 ? A CGU 10 ? A CGU 10  ? 8_777 CA ? D CA . ? A CA 102 ? 1_555 OE21 ? A CGU 14 ? A CGU 14  ? 8_777 93.2  ? 
20 OE21 ? A CGU 10 ? A CGU 10  ? 8_777 CA ? D CA . ? A CA 102 ? 1_555 OE21 ? A CGU 14 ? A CGU 14  ? 8_777 89.8  ? 
21 OE11 ? A CGU 14 ? A CGU 14  ? 8_777 CA ? D CA . ? A CA 102 ? 1_555 OE21 ? A CGU 14 ? A CGU 14  ? 8_777 78.0  ? 
22 OE12 ? A CGU 3  ? A CGU 3   ? 1_555 CA ? E CA . ? A CA 103 ? 1_555 OE21 ? A CGU 3  ? A CGU 3   ? 1_555 75.9  ? 
23 OE12 ? A CGU 3  ? A CGU 3   ? 1_555 CA ? E CA . ? A CA 103 ? 1_555 OE22 ? A CGU 7  ? A CGU 7   ? 1_555 87.4  ? 
24 OE21 ? A CGU 3  ? A CGU 3   ? 1_555 CA ? E CA . ? A CA 103 ? 1_555 OE22 ? A CGU 7  ? A CGU 7   ? 1_555 98.2  ? 
25 OE12 ? A CGU 3  ? A CGU 3   ? 1_555 CA ? E CA . ? A CA 103 ? 1_555 OE11 ? A CGU 7  ? A CGU 7   ? 1_555 159.3 ? 
26 OE21 ? A CGU 3  ? A CGU 3   ? 1_555 CA ? E CA . ? A CA 103 ? 1_555 OE11 ? A CGU 7  ? A CGU 7   ? 1_555 92.2  ? 
27 OE22 ? A CGU 7  ? A CGU 7   ? 1_555 CA ? E CA . ? A CA 103 ? 1_555 OE11 ? A CGU 7  ? A CGU 7   ? 1_555 77.5  ? 
28 OE12 ? A CGU 3  ? A CGU 3   ? 1_555 CA ? E CA . ? A CA 103 ? 1_555 O    ? F HOH .  ? A HOH 133 ? 8_777 69.4  ? 
29 OE21 ? A CGU 3  ? A CGU 3   ? 1_555 CA ? E CA . ? A CA 103 ? 1_555 O    ? F HOH .  ? A HOH 133 ? 8_777 145.0 ? 
30 OE22 ? A CGU 7  ? A CGU 7   ? 1_555 CA ? E CA . ? A CA 103 ? 1_555 O    ? F HOH .  ? A HOH 133 ? 8_777 75.8  ? 
31 OE11 ? A CGU 7  ? A CGU 7   ? 1_555 CA ? E CA . ? A CA 103 ? 1_555 O    ? F HOH .  ? A HOH 133 ? 8_777 119.1 ? 
32 OE12 ? A CGU 3  ? A CGU 3   ? 1_555 CA ? E CA . ? A CA 103 ? 1_555 O    ? F HOH .  ? A HOH 136 ? 8_777 88.1  ? 
33 OE21 ? A CGU 3  ? A CGU 3   ? 1_555 CA ? E CA . ? A CA 103 ? 1_555 O    ? F HOH .  ? A HOH 136 ? 8_777 84.2  ? 
34 OE22 ? A CGU 7  ? A CGU 7   ? 1_555 CA ? E CA . ? A CA 103 ? 1_555 O    ? F HOH .  ? A HOH 136 ? 8_777 174.1 ? 
35 OE11 ? A CGU 7  ? A CGU 7   ? 1_555 CA ? E CA . ? A CA 103 ? 1_555 O    ? F HOH .  ? A HOH 136 ? 8_777 107.8 ? 
36 O    ? F HOH .  ? A HOH 133 ? 8_777 CA ? E CA . ? A CA 103 ? 1_555 O    ? F HOH .  ? A HOH 136 ? 8_777 99.1  ? 
37 OE12 ? A CGU 3  ? A CGU 3   ? 1_555 CA ? E CA . ? A CA 103 ? 1_555 O    ? F HOH .  ? A HOH 141 ? 1_555 125.7 ? 
38 OE21 ? A CGU 3  ? A CGU 3   ? 1_555 CA ? E CA . ? A CA 103 ? 1_555 O    ? F HOH .  ? A HOH 141 ? 1_555 153.7 ? 
39 OE22 ? A CGU 7  ? A CGU 7   ? 1_555 CA ? E CA . ? A CA 103 ? 1_555 O    ? F HOH .  ? A HOH 141 ? 1_555 97.6  ? 
40 OE11 ? A CGU 7  ? A CGU 7   ? 1_555 CA ? E CA . ? A CA 103 ? 1_555 O    ? F HOH .  ? A HOH 141 ? 1_555 71.0  ? 
41 O    ? F HOH .  ? A HOH 133 ? 8_777 CA ? E CA . ? A CA 103 ? 1_555 O    ? F HOH .  ? A HOH 141 ? 1_555 59.9  ? 
42 O    ? F HOH .  ? A HOH 136 ? 8_777 CA ? E CA . ? A CA 103 ? 1_555 O    ? F HOH .  ? A HOH 141 ? 1_555 82.0  ? 
43 OE11 ? A CGU 7  ? A CGU 7   ? 1_555 CA ? C CA . ? A CA 101 ? 1_555 OE12 ? A CGU 7  ? A CGU 7   ? 1_555 51.9  ? 
44 OE11 ? A CGU 7  ? A CGU 7   ? 1_555 CA ? C CA . ? A CA 101 ? 1_555 OE11 ? A CGU 7  ? A CGU 7   ? 8_777 107.1 ? 
45 OE12 ? A CGU 7  ? A CGU 7   ? 1_555 CA ? C CA . ? A CA 101 ? 1_555 OE11 ? A CGU 7  ? A CGU 7   ? 8_777 84.8  ? 
46 OE11 ? A CGU 7  ? A CGU 7   ? 1_555 CA ? C CA . ? A CA 101 ? 1_555 OE12 ? A CGU 7  ? A CGU 7   ? 8_777 84.8  ? 
47 OE12 ? A CGU 7  ? A CGU 7   ? 1_555 CA ? C CA . ? A CA 101 ? 1_555 OE12 ? A CGU 7  ? A CGU 7   ? 8_777 106.8 ? 
48 OE11 ? A CGU 7  ? A CGU 7   ? 8_777 CA ? C CA . ? A CA 101 ? 1_555 OE12 ? A CGU 7  ? A CGU 7   ? 8_777 51.9  ? 
49 OE11 ? A CGU 7  ? A CGU 7   ? 1_555 CA ? C CA . ? A CA 101 ? 1_555 OE11 ? A CGU 10 ? A CGU 10  ? 1_555 126.8 ? 
50 OE12 ? A CGU 7  ? A CGU 7   ? 1_555 CA ? C CA . ? A CA 101 ? 1_555 OE11 ? A CGU 10 ? A CGU 10  ? 1_555 80.5  ? 
51 OE11 ? A CGU 7  ? A CGU 7   ? 8_777 CA ? C CA . ? A CA 101 ? 1_555 OE11 ? A CGU 10 ? A CGU 10  ? 1_555 88.0  ? 
52 OE12 ? A CGU 7  ? A CGU 7   ? 8_777 CA ? C CA . ? A CA 101 ? 1_555 OE11 ? A CGU 10 ? A CGU 10  ? 1_555 136.9 ? 
53 OE11 ? A CGU 7  ? A CGU 7   ? 1_555 CA ? C CA . ? A CA 101 ? 1_555 OE11 ? A CGU 10 ? A CGU 10  ? 8_777 88.0  ? 
54 OE12 ? A CGU 7  ? A CGU 7   ? 1_555 CA ? C CA . ? A CA 101 ? 1_555 OE11 ? A CGU 10 ? A CGU 10  ? 8_777 136.9 ? 
55 OE11 ? A CGU 7  ? A CGU 7   ? 8_777 CA ? C CA . ? A CA 101 ? 1_555 OE11 ? A CGU 10 ? A CGU 10  ? 8_777 126.8 ? 
56 OE12 ? A CGU 7  ? A CGU 7   ? 8_777 CA ? C CA . ? A CA 101 ? 1_555 OE11 ? A CGU 10 ? A CGU 10  ? 8_777 80.5  ? 
57 OE11 ? A CGU 10 ? A CGU 10  ? 1_555 CA ? C CA . ? A CA 101 ? 1_555 OE11 ? A CGU 10 ? A CGU 10  ? 8_777 123.4 ? 
58 OE11 ? A CGU 7  ? A CGU 7   ? 1_555 CA ? C CA . ? A CA 101 ? 1_555 O    ? F HOH .  ? A HOH 137 ? 1_555 71.7  ? 
59 OE12 ? A CGU 7  ? A CGU 7   ? 1_555 CA ? C CA . ? A CA 101 ? 1_555 O    ? F HOH .  ? A HOH 137 ? 1_555 77.0  ? 
60 OE11 ? A CGU 7  ? A CGU 7   ? 8_777 CA ? C CA . ? A CA 101 ? 1_555 O    ? F HOH .  ? A HOH 137 ? 1_555 157.4 ? 
61 OE12 ? A CGU 7  ? A CGU 7   ? 8_777 CA ? C CA . ? A CA 101 ? 1_555 O    ? F HOH .  ? A HOH 137 ? 1_555 146.9 ? 
62 OE11 ? A CGU 10 ? A CGU 10  ? 1_555 CA ? C CA . ? A CA 101 ? 1_555 O    ? F HOH .  ? A HOH 137 ? 1_555 76.1  ? 
63 OE11 ? A CGU 10 ? A CGU 10  ? 8_777 CA ? C CA . ? A CA 101 ? 1_555 O    ? F HOH .  ? A HOH 137 ? 1_555 75.8  ? 
64 OE11 ? A CGU 7  ? A CGU 7   ? 1_555 CA ? C CA . ? A CA 101 ? 1_555 O    ? F HOH .  ? A HOH 137 ? 8_777 157.4 ? 
65 OE12 ? A CGU 7  ? A CGU 7   ? 1_555 CA ? C CA . ? A CA 101 ? 1_555 O    ? F HOH .  ? A HOH 137 ? 8_777 146.9 ? 
66 OE11 ? A CGU 7  ? A CGU 7   ? 8_777 CA ? C CA . ? A CA 101 ? 1_555 O    ? F HOH .  ? A HOH 137 ? 8_777 71.7  ? 
67 OE12 ? A CGU 7  ? A CGU 7   ? 8_777 CA ? C CA . ? A CA 101 ? 1_555 O    ? F HOH .  ? A HOH 137 ? 8_777 77.0  ? 
68 OE11 ? A CGU 10 ? A CGU 10  ? 1_555 CA ? C CA . ? A CA 101 ? 1_555 O    ? F HOH .  ? A HOH 137 ? 8_777 75.8  ? 
69 OE11 ? A CGU 10 ? A CGU 10  ? 8_777 CA ? C CA . ? A CA 101 ? 1_555 O    ? F HOH .  ? A HOH 137 ? 8_777 76.1  ? 
70 O    ? F HOH .  ? A HOH 137 ? 1_555 CA ? C CA . ? A CA 101 ? 1_555 O    ? F HOH .  ? A HOH 137 ? 8_777 118.2 ? 
# 
loop_
_struct_site.id 
_struct_site.pdbx_evidence_code 
_struct_site.pdbx_auth_asym_id 
_struct_site.pdbx_auth_comp_id 
_struct_site.pdbx_auth_seq_id 
_struct_site.pdbx_auth_ins_code 
_struct_site.pdbx_num_residues 
_struct_site.details 
AC1 Software A CL 104 ? 5 'BINDING SITE FOR RESIDUE CL A 104' 
AC2 Software A CA 101 ? 6 'BINDING SITE FOR RESIDUE CA A 101' 
AC3 Software A CA 102 ? 4 'BINDING SITE FOR RESIDUE CA A 102' 
AC4 Software A CA 103 ? 5 'BINDING SITE FOR RESIDUE CA A 103' 
# 
loop_
_struct_site_gen.id 
_struct_site_gen.site_id 
_struct_site_gen.pdbx_num_res 
_struct_site_gen.label_comp_id 
_struct_site_gen.label_asym_id 
_struct_site_gen.label_seq_id 
_struct_site_gen.pdbx_auth_ins_code 
_struct_site_gen.auth_comp_id 
_struct_site_gen.auth_asym_id 
_struct_site_gen.auth_seq_id 
_struct_site_gen.label_atom_id 
_struct_site_gen.label_alt_id 
_struct_site_gen.symmetry 
_struct_site_gen.details 
1  AC1 5 CGU A 3  ? CGU A 3   . ? 3_745 ? 
2  AC1 5 ASN A 17 ? ASN A 17  . ? 1_555 ? 
3  AC1 5 NH2 A 18 ? NH2 A 18  . ? 1_555 ? 
4  AC1 5 HOH F .  ? HOH A 112 . ? 3_745 ? 
5  AC1 5 HOH F .  ? HOH A 144 . ? 1_555 ? 
6  AC2 6 CGU A 7  ? CGU A 7   . ? 1_555 ? 
7  AC2 6 CGU A 7  ? CGU A 7   . ? 8_777 ? 
8  AC2 6 CGU A 10 ? CGU A 10  . ? 1_555 ? 
9  AC2 6 CGU A 10 ? CGU A 10  . ? 8_777 ? 
10 AC2 6 HOH F .  ? HOH A 137 . ? 8_777 ? 
11 AC2 6 HOH F .  ? HOH A 137 . ? 1_555 ? 
12 AC3 4 CGU A 3  ? CGU A 3   . ? 1_555 ? 
13 AC3 4 GLN A 6  ? GLN A 6   . ? 1_555 ? 
14 AC3 4 CGU A 10 ? CGU A 10  . ? 8_777 ? 
15 AC3 4 CGU A 14 ? CGU A 14  . ? 8_777 ? 
16 AC4 5 CGU A 3  ? CGU A 3   . ? 1_555 ? 
17 AC4 5 CGU A 7  ? CGU A 7   . ? 1_555 ? 
18 AC4 5 HOH F .  ? HOH A 133 . ? 8_777 ? 
19 AC4 5 HOH F .  ? HOH A 136 . ? 8_777 ? 
20 AC4 5 HOH F .  ? HOH A 141 . ? 1_555 ? 
# 
loop_
_pdbx_struct_mod_residue.id 
_pdbx_struct_mod_residue.label_asym_id 
_pdbx_struct_mod_residue.label_comp_id 
_pdbx_struct_mod_residue.label_seq_id 
_pdbx_struct_mod_residue.auth_asym_id 
_pdbx_struct_mod_residue.auth_comp_id 
_pdbx_struct_mod_residue.auth_seq_id 
_pdbx_struct_mod_residue.PDB_ins_code 
_pdbx_struct_mod_residue.parent_comp_id 
_pdbx_struct_mod_residue.details 
1 A CGU 3  A CGU 3  ? GLU 'GAMMA-CARBOXY-GLUTAMIC ACID' 
2 A CGU 4  A CGU 4  ? GLU 'GAMMA-CARBOXY-GLUTAMIC ACID' 
3 A CGU 7  A CGU 7  ? GLU 'GAMMA-CARBOXY-GLUTAMIC ACID' 
4 A CGU 10 A CGU 10 ? GLU 'GAMMA-CARBOXY-GLUTAMIC ACID' 
5 A CGU 14 A CGU 14 ? GLU 'GAMMA-CARBOXY-GLUTAMIC ACID' 
# 
loop_
_pdbx_struct_special_symmetry.id 
_pdbx_struct_special_symmetry.PDB_model_num 
_pdbx_struct_special_symmetry.auth_asym_id 
_pdbx_struct_special_symmetry.auth_comp_id 
_pdbx_struct_special_symmetry.auth_seq_id 
_pdbx_struct_special_symmetry.PDB_ins_code 
_pdbx_struct_special_symmetry.label_asym_id 
_pdbx_struct_special_symmetry.label_comp_id 
_pdbx_struct_special_symmetry.label_seq_id 
1 1 A CA  101 ? C CA  . 
2 1 A HOH 111 ? F HOH . 
3 1 A HOH 142 ? F HOH . 
# 
loop_
_chem_comp_atom.comp_id 
_chem_comp_atom.atom_id 
_chem_comp_atom.type_symbol 
_chem_comp_atom.pdbx_aromatic_flag 
_chem_comp_atom.pdbx_stereo_config 
_chem_comp_atom.pdbx_ordinal 
ARG N    N  N N 1   
ARG CA   C  N S 2   
ARG C    C  N N 3   
ARG O    O  N N 4   
ARG CB   C  N N 5   
ARG CG   C  N N 6   
ARG CD   C  N N 7   
ARG NE   N  N N 8   
ARG CZ   C  N N 9   
ARG NH1  N  N N 10  
ARG NH2  N  N N 11  
ARG OXT  O  N N 12  
ARG H    H  N N 13  
ARG H2   H  N N 14  
ARG HA   H  N N 15  
ARG HB2  H  N N 16  
ARG HB3  H  N N 17  
ARG HG2  H  N N 18  
ARG HG3  H  N N 19  
ARG HD2  H  N N 20  
ARG HD3  H  N N 21  
ARG HE   H  N N 22  
ARG HH11 H  N N 23  
ARG HH12 H  N N 24  
ARG HH21 H  N N 25  
ARG HH22 H  N N 26  
ARG HXT  H  N N 27  
ASN N    N  N N 28  
ASN CA   C  N S 29  
ASN C    C  N N 30  
ASN O    O  N N 31  
ASN CB   C  N N 32  
ASN CG   C  N N 33  
ASN OD1  O  N N 34  
ASN ND2  N  N N 35  
ASN OXT  O  N N 36  
ASN H    H  N N 37  
ASN H2   H  N N 38  
ASN HA   H  N N 39  
ASN HB2  H  N N 40  
ASN HB3  H  N N 41  
ASN HD21 H  N N 42  
ASN HD22 H  N N 43  
ASN HXT  H  N N 44  
CA  CA   CA N N 45  
CGU N    N  N N 46  
CGU CA   C  N S 47  
CGU C    C  N N 48  
CGU O    O  N N 49  
CGU OXT  O  N N 50  
CGU CB   C  N N 51  
CGU CG   C  N N 52  
CGU CD1  C  N N 53  
CGU CD2  C  N N 54  
CGU OE11 O  N N 55  
CGU OE12 O  N N 56  
CGU OE21 O  N N 57  
CGU OE22 O  N N 58  
CGU H    H  N N 59  
CGU H2   H  N N 60  
CGU HA   H  N N 61  
CGU HXT  H  N N 62  
CGU HB2  H  N N 63  
CGU HB3  H  N N 64  
CGU HG   H  N N 65  
CGU HE12 H  N N 66  
CGU HE22 H  N N 67  
CL  CL   CL N N 68  
GLN N    N  N N 69  
GLN CA   C  N S 70  
GLN C    C  N N 71  
GLN O    O  N N 72  
GLN CB   C  N N 73  
GLN CG   C  N N 74  
GLN CD   C  N N 75  
GLN OE1  O  N N 76  
GLN NE2  N  N N 77  
GLN OXT  O  N N 78  
GLN H    H  N N 79  
GLN H2   H  N N 80  
GLN HA   H  N N 81  
GLN HB2  H  N N 82  
GLN HB3  H  N N 83  
GLN HG2  H  N N 84  
GLN HG3  H  N N 85  
GLN HE21 H  N N 86  
GLN HE22 H  N N 87  
GLN HXT  H  N N 88  
GLU N    N  N N 89  
GLU CA   C  N S 90  
GLU C    C  N N 91  
GLU O    O  N N 92  
GLU CB   C  N N 93  
GLU CG   C  N N 94  
GLU CD   C  N N 95  
GLU OE1  O  N N 96  
GLU OE2  O  N N 97  
GLU OXT  O  N N 98  
GLU H    H  N N 99  
GLU H2   H  N N 100 
GLU HA   H  N N 101 
GLU HB2  H  N N 102 
GLU HB3  H  N N 103 
GLU HG2  H  N N 104 
GLU HG3  H  N N 105 
GLU HE2  H  N N 106 
GLU HXT  H  N N 107 
GLY N    N  N N 108 
GLY CA   C  N N 109 
GLY C    C  N N 110 
GLY O    O  N N 111 
GLY OXT  O  N N 112 
GLY H    H  N N 113 
GLY H2   H  N N 114 
GLY HA2  H  N N 115 
GLY HA3  H  N N 116 
GLY HXT  H  N N 117 
HOH O    O  N N 118 
HOH H1   H  N N 119 
HOH H2   H  N N 120 
ILE N    N  N N 121 
ILE CA   C  N S 122 
ILE C    C  N N 123 
ILE O    O  N N 124 
ILE CB   C  N S 125 
ILE CG1  C  N N 126 
ILE CG2  C  N N 127 
ILE CD1  C  N N 128 
ILE OXT  O  N N 129 
ILE H    H  N N 130 
ILE H2   H  N N 131 
ILE HA   H  N N 132 
ILE HB   H  N N 133 
ILE HG12 H  N N 134 
ILE HG13 H  N N 135 
ILE HG21 H  N N 136 
ILE HG22 H  N N 137 
ILE HG23 H  N N 138 
ILE HD11 H  N N 139 
ILE HD12 H  N N 140 
ILE HD13 H  N N 141 
ILE HXT  H  N N 142 
LEU N    N  N N 143 
LEU CA   C  N S 144 
LEU C    C  N N 145 
LEU O    O  N N 146 
LEU CB   C  N N 147 
LEU CG   C  N N 148 
LEU CD1  C  N N 149 
LEU CD2  C  N N 150 
LEU OXT  O  N N 151 
LEU H    H  N N 152 
LEU H2   H  N N 153 
LEU HA   H  N N 154 
LEU HB2  H  N N 155 
LEU HB3  H  N N 156 
LEU HG   H  N N 157 
LEU HD11 H  N N 158 
LEU HD12 H  N N 159 
LEU HD13 H  N N 160 
LEU HD21 H  N N 161 
LEU HD22 H  N N 162 
LEU HD23 H  N N 163 
LEU HXT  H  N N 164 
LYS N    N  N N 165 
LYS CA   C  N S 166 
LYS C    C  N N 167 
LYS O    O  N N 168 
LYS CB   C  N N 169 
LYS CG   C  N N 170 
LYS CD   C  N N 171 
LYS CE   C  N N 172 
LYS NZ   N  N N 173 
LYS OXT  O  N N 174 
LYS H    H  N N 175 
LYS H2   H  N N 176 
LYS HA   H  N N 177 
LYS HB2  H  N N 178 
LYS HB3  H  N N 179 
LYS HG2  H  N N 180 
LYS HG3  H  N N 181 
LYS HD2  H  N N 182 
LYS HD3  H  N N 183 
LYS HE2  H  N N 184 
LYS HE3  H  N N 185 
LYS HZ1  H  N N 186 
LYS HZ2  H  N N 187 
LYS HZ3  H  N N 188 
LYS HXT  H  N N 189 
NH2 N    N  N N 190 
NH2 HN1  H  N N 191 
NH2 HN2  H  N N 192 
SER N    N  N N 193 
SER CA   C  N S 194 
SER C    C  N N 195 
SER O    O  N N 196 
SER CB   C  N N 197 
SER OG   O  N N 198 
SER OXT  O  N N 199 
SER H    H  N N 200 
SER H2   H  N N 201 
SER HA   H  N N 202 
SER HB2  H  N N 203 
SER HB3  H  N N 204 
SER HG   H  N N 205 
SER HXT  H  N N 206 
# 
loop_
_chem_comp_bond.comp_id 
_chem_comp_bond.atom_id_1 
_chem_comp_bond.atom_id_2 
_chem_comp_bond.value_order 
_chem_comp_bond.pdbx_aromatic_flag 
_chem_comp_bond.pdbx_stereo_config 
_chem_comp_bond.pdbx_ordinal 
ARG N    CA   sing N N 1   
ARG N    H    sing N N 2   
ARG N    H2   sing N N 3   
ARG CA   C    sing N N 4   
ARG CA   CB   sing N N 5   
ARG CA   HA   sing N N 6   
ARG C    O    doub N N 7   
ARG C    OXT  sing N N 8   
ARG CB   CG   sing N N 9   
ARG CB   HB2  sing N N 10  
ARG CB   HB3  sing N N 11  
ARG CG   CD   sing N N 12  
ARG CG   HG2  sing N N 13  
ARG CG   HG3  sing N N 14  
ARG CD   NE   sing N N 15  
ARG CD   HD2  sing N N 16  
ARG CD   HD3  sing N N 17  
ARG NE   CZ   sing N N 18  
ARG NE   HE   sing N N 19  
ARG CZ   NH1  sing N N 20  
ARG CZ   NH2  doub N N 21  
ARG NH1  HH11 sing N N 22  
ARG NH1  HH12 sing N N 23  
ARG NH2  HH21 sing N N 24  
ARG NH2  HH22 sing N N 25  
ARG OXT  HXT  sing N N 26  
ASN N    CA   sing N N 27  
ASN N    H    sing N N 28  
ASN N    H2   sing N N 29  
ASN CA   C    sing N N 30  
ASN CA   CB   sing N N 31  
ASN CA   HA   sing N N 32  
ASN C    O    doub N N 33  
ASN C    OXT  sing N N 34  
ASN CB   CG   sing N N 35  
ASN CB   HB2  sing N N 36  
ASN CB   HB3  sing N N 37  
ASN CG   OD1  doub N N 38  
ASN CG   ND2  sing N N 39  
ASN ND2  HD21 sing N N 40  
ASN ND2  HD22 sing N N 41  
ASN OXT  HXT  sing N N 42  
CGU N    CA   sing N N 43  
CGU N    H    sing N N 44  
CGU N    H2   sing N N 45  
CGU CA   C    sing N N 46  
CGU CA   CB   sing N N 47  
CGU CA   HA   sing N N 48  
CGU C    O    doub N N 49  
CGU C    OXT  sing N N 50  
CGU OXT  HXT  sing N N 51  
CGU CB   CG   sing N N 52  
CGU CB   HB2  sing N N 53  
CGU CB   HB3  sing N N 54  
CGU CG   CD1  sing N N 55  
CGU CG   CD2  sing N N 56  
CGU CG   HG   sing N N 57  
CGU CD1  OE11 doub N N 58  
CGU CD1  OE12 sing N N 59  
CGU CD2  OE21 doub N N 60  
CGU CD2  OE22 sing N N 61  
CGU OE12 HE12 sing N N 62  
CGU OE22 HE22 sing N N 63  
GLN N    CA   sing N N 64  
GLN N    H    sing N N 65  
GLN N    H2   sing N N 66  
GLN CA   C    sing N N 67  
GLN CA   CB   sing N N 68  
GLN CA   HA   sing N N 69  
GLN C    O    doub N N 70  
GLN C    OXT  sing N N 71  
GLN CB   CG   sing N N 72  
GLN CB   HB2  sing N N 73  
GLN CB   HB3  sing N N 74  
GLN CG   CD   sing N N 75  
GLN CG   HG2  sing N N 76  
GLN CG   HG3  sing N N 77  
GLN CD   OE1  doub N N 78  
GLN CD   NE2  sing N N 79  
GLN NE2  HE21 sing N N 80  
GLN NE2  HE22 sing N N 81  
GLN OXT  HXT  sing N N 82  
GLU N    CA   sing N N 83  
GLU N    H    sing N N 84  
GLU N    H2   sing N N 85  
GLU CA   C    sing N N 86  
GLU CA   CB   sing N N 87  
GLU CA   HA   sing N N 88  
GLU C    O    doub N N 89  
GLU C    OXT  sing N N 90  
GLU CB   CG   sing N N 91  
GLU CB   HB2  sing N N 92  
GLU CB   HB3  sing N N 93  
GLU CG   CD   sing N N 94  
GLU CG   HG2  sing N N 95  
GLU CG   HG3  sing N N 96  
GLU CD   OE1  doub N N 97  
GLU CD   OE2  sing N N 98  
GLU OE2  HE2  sing N N 99  
GLU OXT  HXT  sing N N 100 
GLY N    CA   sing N N 101 
GLY N    H    sing N N 102 
GLY N    H2   sing N N 103 
GLY CA   C    sing N N 104 
GLY CA   HA2  sing N N 105 
GLY CA   HA3  sing N N 106 
GLY C    O    doub N N 107 
GLY C    OXT  sing N N 108 
GLY OXT  HXT  sing N N 109 
HOH O    H1   sing N N 110 
HOH O    H2   sing N N 111 
ILE N    CA   sing N N 112 
ILE N    H    sing N N 113 
ILE N    H2   sing N N 114 
ILE CA   C    sing N N 115 
ILE CA   CB   sing N N 116 
ILE CA   HA   sing N N 117 
ILE C    O    doub N N 118 
ILE C    OXT  sing N N 119 
ILE CB   CG1  sing N N 120 
ILE CB   CG2  sing N N 121 
ILE CB   HB   sing N N 122 
ILE CG1  CD1  sing N N 123 
ILE CG1  HG12 sing N N 124 
ILE CG1  HG13 sing N N 125 
ILE CG2  HG21 sing N N 126 
ILE CG2  HG22 sing N N 127 
ILE CG2  HG23 sing N N 128 
ILE CD1  HD11 sing N N 129 
ILE CD1  HD12 sing N N 130 
ILE CD1  HD13 sing N N 131 
ILE OXT  HXT  sing N N 132 
LEU N    CA   sing N N 133 
LEU N    H    sing N N 134 
LEU N    H2   sing N N 135 
LEU CA   C    sing N N 136 
LEU CA   CB   sing N N 137 
LEU CA   HA   sing N N 138 
LEU C    O    doub N N 139 
LEU C    OXT  sing N N 140 
LEU CB   CG   sing N N 141 
LEU CB   HB2  sing N N 142 
LEU CB   HB3  sing N N 143 
LEU CG   CD1  sing N N 144 
LEU CG   CD2  sing N N 145 
LEU CG   HG   sing N N 146 
LEU CD1  HD11 sing N N 147 
LEU CD1  HD12 sing N N 148 
LEU CD1  HD13 sing N N 149 
LEU CD2  HD21 sing N N 150 
LEU CD2  HD22 sing N N 151 
LEU CD2  HD23 sing N N 152 
LEU OXT  HXT  sing N N 153 
LYS N    CA   sing N N 154 
LYS N    H    sing N N 155 
LYS N    H2   sing N N 156 
LYS CA   C    sing N N 157 
LYS CA   CB   sing N N 158 
LYS CA   HA   sing N N 159 
LYS C    O    doub N N 160 
LYS C    OXT  sing N N 161 
LYS CB   CG   sing N N 162 
LYS CB   HB2  sing N N 163 
LYS CB   HB3  sing N N 164 
LYS CG   CD   sing N N 165 
LYS CG   HG2  sing N N 166 
LYS CG   HG3  sing N N 167 
LYS CD   CE   sing N N 168 
LYS CD   HD2  sing N N 169 
LYS CD   HD3  sing N N 170 
LYS CE   NZ   sing N N 171 
LYS CE   HE2  sing N N 172 
LYS CE   HE3  sing N N 173 
LYS NZ   HZ1  sing N N 174 
LYS NZ   HZ2  sing N N 175 
LYS NZ   HZ3  sing N N 176 
LYS OXT  HXT  sing N N 177 
NH2 N    HN1  sing N N 178 
NH2 N    HN2  sing N N 179 
SER N    CA   sing N N 180 
SER N    H    sing N N 181 
SER N    H2   sing N N 182 
SER CA   C    sing N N 183 
SER CA   CB   sing N N 184 
SER CA   HA   sing N N 185 
SER C    O    doub N N 186 
SER C    OXT  sing N N 187 
SER CB   OG   sing N N 188 
SER CB   HB2  sing N N 189 
SER CB   HB3  sing N N 190 
SER OG   HG   sing N N 191 
SER OXT  HXT  sing N N 192 
# 
_pdbx_initial_refinement_model.accession_code   ? 
_pdbx_initial_refinement_model.id               1 
_pdbx_initial_refinement_model.entity_id_list   ? 
_pdbx_initial_refinement_model.type             'in silico model' 
_pdbx_initial_refinement_model.source_name      Other 
_pdbx_initial_refinement_model.details          '14-mer polyalanine helix' 
# 
_atom_sites.entry_id                    2DPQ 
_atom_sites.fract_transf_matrix[1][1]   -0.00203362 
_atom_sites.fract_transf_matrix[1][2]   -0.03098193 
_atom_sites.fract_transf_matrix[1][3]   0.01407524 
_atom_sites.fract_transf_matrix[2][1]   -0.00977980 
_atom_sites.fract_transf_matrix[2][2]   -0.01297338 
_atom_sites.fract_transf_matrix[2][3]   -0.02996957 
_atom_sites.fract_transf_matrix[3][1]   0.02039376 
_atom_sites.fract_transf_matrix[3][2]   -0.00364515 
_atom_sites.fract_transf_matrix[3][3]   -0.00507705 
_atom_sites.fract_transf_vector[1]      1.173448 
_atom_sites.fract_transf_vector[2]      0.495075 
_atom_sites.fract_transf_vector[3]      1.227875 
# 
loop_
_atom_type.symbol 
C  
CA 
CL 
N  
O  
# 
loop_
_atom_site.group_PDB 
_atom_site.id 
_atom_site.type_symbol 
_atom_site.label_atom_id 
_atom_site.label_alt_id 
_atom_site.label_comp_id 
_atom_site.label_asym_id 
_atom_site.label_entity_id 
_atom_site.label_seq_id 
_atom_site.pdbx_PDB_ins_code 
_atom_site.Cartn_x 
_atom_site.Cartn_y 
_atom_site.Cartn_z 
_atom_site.occupancy 
_atom_site.B_iso_or_equiv 
_atom_site.pdbx_formal_charge 
_atom_site.auth_seq_id 
_atom_site.auth_comp_id 
_atom_site.auth_asym_id 
_atom_site.auth_atom_id 
_atom_site.pdbx_PDB_model_num 
ATOM   1   N  N    . GLY A 1 1  ? -11.497 2.877  -2.924  1.00 21.99 ? 1   GLY A N    1 
ATOM   2   C  CA   . GLY A 1 1  ? -12.086 1.799  -2.161  1.00 19.82 ? 1   GLY A CA   1 
ATOM   3   C  C    . GLY A 1 1  ? -11.105 0.916  -1.421  1.00 17.42 ? 1   GLY A C    1 
ATOM   4   O  O    . GLY A 1 1  ? -9.922  1.245  -1.282  1.00 16.90 ? 1   GLY A O    1 
ATOM   5   N  N    . GLU A 1 2  ? -11.582 -0.237 -0.957  1.00 16.74 ? 2   GLU A N    1 
ATOM   6   C  CA   . GLU A 1 2  ? -10.794 -1.161 -0.162  1.00 16.10 ? 2   GLU A CA   1 
ATOM   7   C  C    . GLU A 1 2  ? -9.561  -1.652 -0.902  1.00 16.41 ? 2   GLU A C    1 
ATOM   8   O  O    . GLU A 1 2  ? -8.478  -1.714 -0.304  1.00 17.38 ? 2   GLU A O    1 
ATOM   9   C  CB   . GLU A 1 2  ? -11.632 -2.386 0.195   1.00 17.13 ? 2   GLU A CB   1 
ATOM   10  C  CG   . GLU A 1 2  ? -10.897 -3.442 1.010   1.00 19.58 ? 2   GLU A CG   1 
ATOM   11  C  CD   . GLU A 1 2  ? -10.334 -3.012 2.339   1.00 18.55 ? 2   GLU A CD   1 
ATOM   12  O  OE1  . GLU A 1 2  ? -10.859 -2.046 2.942   1.00 21.58 ? 2   GLU A OE1  1 
ATOM   13  O  OE2  . GLU A 1 2  ? -9.316  -3.627 2.786   1.00 22.29 ? 2   GLU A OE2  1 
HETATM 14  N  N    . CGU A 1 3  ? -9.690  -1.957 -2.182  1.00 16.44 ? 3   CGU A N    1 
HETATM 15  C  CA   . CGU A 1 3  ? -8.514  -2.440 -2.890  1.00 17.06 ? 3   CGU A CA   1 
HETATM 16  C  C    . CGU A 1 3  ? -7.478  -1.360 -3.058  1.00 15.81 ? 3   CGU A C    1 
HETATM 17  O  O    . CGU A 1 3  ? -6.293  -1.634 -2.942  1.00 15.88 ? 3   CGU A O    1 
HETATM 18  C  CB   . CGU A 1 3  ? -8.981  -3.015 -4.217  1.00 19.63 ? 3   CGU A CB   1 
HETATM 19  C  CG   . CGU A 1 3  ? -7.999  -3.943 -4.816  1.00 20.07 ? 3   CGU A CG   1 
HETATM 20  C  CD1  . CGU A 1 3  ? -8.419  -4.585 -6.118  1.00 21.51 ? 3   CGU A CD1  1 
HETATM 21  C  CD2  . CGU A 1 3  ? -7.419  -5.018 -3.898  1.00 19.12 ? 3   CGU A CD2  1 
HETATM 22  O  OE11 . CGU A 1 3  ? -9.601  -4.621 -6.513  1.00 27.45 ? 3   CGU A OE11 1 
HETATM 23  O  OE12 . CGU A 1 3  ? -7.493  -5.196 -6.693  1.00 20.46 ? 3   CGU A OE12 1 
HETATM 24  O  OE21 . CGU A 1 3  ? -6.244  -5.353 -4.106  1.00 19.51 ? 3   CGU A OE21 1 
HETATM 25  O  OE22 . CGU A 1 3  ? -8.084  -5.587 -3.011  1.00 19.83 ? 3   CGU A OE22 1 
HETATM 26  N  N    . CGU A 1 4  ? -7.909  -0.132 -3.337  1.00 15.49 ? 4   CGU A N    1 
HETATM 27  C  CA   . CGU A 1 4  ? -7.005  0.996  -3.424  1.00 16.10 ? 4   CGU A CA   1 
HETATM 28  C  C    . CGU A 1 4  ? -6.210  1.172  -2.139  1.00 14.87 ? 4   CGU A C    1 
HETATM 29  O  O    . CGU A 1 4  ? -5.004  1.457  -2.164  1.00 16.51 ? 4   CGU A O    1 
HETATM 30  C  CB   . CGU A 1 4  ? -7.723  2.294  -3.788  1.00 16.97 ? 4   CGU A CB   1 
HETATM 31  C  CG   . CGU A 1 4  ? -8.283  2.383  -5.172  1.00 21.46 ? 4   CGU A CG   1 
HETATM 32  C  CD1  . CGU A 1 4  ? -8.867  3.769  -5.456  1.00 28.96 ? 4   CGU A CD1  1 
HETATM 33  C  CD2  . CGU A 1 4  ? -9.348  1.350  -5.509  1.00 25.25 ? 4   CGU A CD2  1 
HETATM 34  O  OE11 . CGU A 1 4  ? -9.975  3.974  -4.938  1.00 36.97 ? 4   CGU A OE11 1 
HETATM 35  O  OE12 . CGU A 1 4  ? -8.023  4.719  -5.448  1.00 41.72 ? 4   CGU A OE12 1 
HETATM 36  O  OE21 . CGU A 1 4  ? -10.213 1.028  -4.669  1.00 21.40 ? 4   CGU A OE21 1 
HETATM 37  O  OE22 . CGU A 1 4  ? -9.303  0.858  -6.664  1.00 31.92 ? 4   CGU A OE22 1 
ATOM   38  N  N    . LEU A 1 5  ? -6.916  1.072  -1.007  1.00 13.86 ? 5   LEU A N    1 
ATOM   39  C  CA   . LEU A 1 5  ? -6.294  1.198  0.286   1.00 15.29 ? 5   LEU A CA   1 
ATOM   40  C  C    . LEU A 1 5  ? -5.254  0.089  0.502   1.00 14.65 ? 5   LEU A C    1 
ATOM   41  O  O    . LEU A 1 5  ? -4.137  0.344  0.965   1.00 15.90 ? 5   LEU A O    1 
ATOM   42  C  CB   A LEU A 1 5  ? -7.314  1.211  1.425   0.80 15.84 ? 5   LEU A CB   1 
ATOM   43  C  CB   B LEU A 1 5  ? -7.382  0.996  1.362   0.20 14.20 ? 5   LEU A CB   1 
ATOM   44  C  CG   A LEU A 1 5  ? -6.662  1.376  2.805   0.80 22.53 ? 5   LEU A CG   1 
ATOM   45  C  CG   B LEU A 1 5  ? -8.363  2.138  1.608   0.20 12.76 ? 5   LEU A CG   1 
ATOM   46  C  CD1  A LEU A 1 5  ? -5.799  2.625  2.902   0.80 23.84 ? 5   LEU A CD1  1 
ATOM   47  C  CD1  B LEU A 1 5  ? -9.552  1.676  2.448   0.20 15.60 ? 5   LEU A CD1  1 
ATOM   48  C  CD2  A LEU A 1 5  ? -7.718  1.368  3.887   0.80 35.03 ? 5   LEU A CD2  1 
ATOM   49  C  CD2  B LEU A 1 5  ? -7.650  3.294  2.297   0.20 21.01 ? 5   LEU A CD2  1 
ATOM   50  N  N    . GLN A 1 6  ? -5.586  -1.153 0.174   1.00 13.85 ? 6   GLN A N    1 
ATOM   51  C  CA   . GLN A 1 6  ? -4.589  -2.219 0.355   1.00 14.42 ? 6   GLN A CA   1 
ATOM   52  C  C    . GLN A 1 6  ? -3.381  -1.972 -0.526  1.00 13.71 ? 6   GLN A C    1 
ATOM   53  O  O    . GLN A 1 6  ? -2.226  -2.179 -0.103  1.00 15.11 ? 6   GLN A O    1 
ATOM   54  C  CB   . GLN A 1 6  ? -5.217  -3.578 0.018   1.00 14.53 ? 6   GLN A CB   1 
ATOM   55  C  CG   . GLN A 1 6  ? -6.248  -4.054 1.004   1.00 15.97 ? 6   GLN A CG   1 
ATOM   56  C  CD   . GLN A 1 6  ? -6.974  -5.335 0.669   1.00 18.04 ? 6   GLN A CD   1 
ATOM   57  O  OE1  . GLN A 1 6  ? -6.497  -6.044 -0.313  1.00 15.54 ? 6   GLN A OE1  1 
ATOM   58  N  NE2  . GLN A 1 6  ? -8.056  -5.621 1.268   1.00 23.44 ? 6   GLN A NE2  1 
HETATM 59  N  N    . CGU A 1 7  ? -3.598  -1.577 -1.772  1.00 14.15 ? 7   CGU A N    1 
HETATM 60  C  CA   . CGU A 1 7  ? -2.484  -1.279 -2.680  1.00 13.38 ? 7   CGU A CA   1 
HETATM 61  C  C    . CGU A 1 7  ? -1.645  -0.135 -2.181  1.00 13.90 ? 7   CGU A C    1 
HETATM 62  O  O    . CGU A 1 7  ? -0.417  -0.136 -2.271  1.00 14.96 ? 7   CGU A O    1 
HETATM 63  C  CB   . CGU A 1 7  ? -2.965  -1.097 -4.096  1.00 13.72 ? 7   CGU A CB   1 
HETATM 64  C  CG   . CGU A 1 7  ? -3.595  -2.324 -4.715  1.00 14.04 ? 7   CGU A CG   1 
HETATM 65  C  CD1  . CGU A 1 7  ? -2.675  -3.488 -4.995  1.00 13.88 ? 7   CGU A CD1  1 
HETATM 66  C  CD2  . CGU A 1 7  ? -4.409  -2.024 -5.966  1.00 18.35 ? 7   CGU A CD2  1 
HETATM 67  O  OE11 . CGU A 1 7  ? -3.175  -4.627 -5.228  1.00 14.61 ? 7   CGU A OE11 1 
HETATM 68  O  OE12 . CGU A 1 7  ? -1.431  -3.310 -4.953  1.00 14.00 ? 7   CGU A OE12 1 
HETATM 69  O  OE21 . CGU A 1 7  ? -4.269  -0.896 -6.489  1.00 19.38 ? 7   CGU A OE21 1 
HETATM 70  O  OE22 . CGU A 1 7  ? -5.203  -2.877 -6.439  1.00 18.29 ? 7   CGU A OE22 1 
ATOM   71  N  N    . ASN A 1 8  ? -2.272  0.892  -1.603  1.00 14.70 ? 8   ASN A N    1 
ATOM   72  C  CA   . ASN A 1 8  ? -1.553  2.001  -0.989  1.00 16.23 ? 8   ASN A CA   1 
ATOM   73  C  C    . ASN A 1 8  ? -0.645  1.528  0.130   1.00 16.75 ? 8   ASN A C    1 
ATOM   74  O  O    . ASN A 1 8  ? 0.528   1.936  0.228   1.00 17.79 ? 8   ASN A O    1 
ATOM   75  C  CB   . ASN A 1 8  ? -2.554  3.061  -0.515  1.00 16.58 ? 8   ASN A CB   1 
ATOM   76  C  CG   . ASN A 1 8  ? -1.855  4.210  0.184   1.00 20.29 ? 8   ASN A CG   1 
ATOM   77  O  OD1  . ASN A 1 8  ? -1.002  4.879  -0.393  1.00 25.31 ? 8   ASN A OD1  1 
ATOM   78  N  ND2  . ASN A 1 8  ? -2.221  4.391  1.448   1.00 28.21 ? 8   ASN A ND2  1 
ATOM   79  N  N    . GLN A 1 9  ? -1.201  0.693  1.034   1.00 16.77 ? 9   GLN A N    1 
ATOM   80  C  CA   . GLN A 1 9  ? -0.387  0.253  2.156   1.00 17.58 ? 9   GLN A CA   1 
ATOM   81  C  C    . GLN A 1 9  ? 0.792   -0.596 1.655   1.00 16.33 ? 9   GLN A C    1 
ATOM   82  O  O    . GLN A 1 9  ? 1.866   -0.597 2.246   1.00 16.36 ? 9   GLN A O    1 
ATOM   83  C  CB   . GLN A 1 9  ? -1.264  -0.617 3.063   1.00 17.32 ? 9   GLN A CB   1 
ATOM   84  C  CG   A GLN A 1 9  ? -2.410  0.126  3.692   0.80 21.54 ? 9   GLN A CG   1 
ATOM   85  C  CG   B GLN A 1 9  ? -2.072  0.154  4.089   0.20 19.93 ? 9   GLN A CG   1 
ATOM   86  C  CD   A GLN A 1 9  ? -3.187  -0.733 4.668   0.80 23.37 ? 9   GLN A CD   1 
ATOM   87  C  CD   B GLN A 1 9  ? -3.341  -0.581 4.475   0.20 23.18 ? 9   GLN A CD   1 
ATOM   88  O  OE1  A GLN A 1 9  ? -3.533  -1.876 4.332   0.80 29.80 ? 9   GLN A OE1  1 
ATOM   89  O  OE1  B GLN A 1 9  ? -3.299  -1.525 5.266   0.20 26.63 ? 9   GLN A OE1  1 
ATOM   90  N  NE2  A GLN A 1 9  ? -3.578  -0.097 5.764   0.80 30.54 ? 9   GLN A NE2  1 
ATOM   91  N  NE2  B GLN A 1 9  ? -4.460  -0.206 3.859   0.20 28.87 ? 9   GLN A NE2  1 
HETATM 92  N  N    . CGU A 1 10 ? 0.608   -1.296 0.533   1.00 15.18 ? 10  CGU A N    1 
HETATM 93  C  CA   . CGU A 1 10 ? 1.757   -2.052 0.003   1.00 14.95 ? 10  CGU A CA   1 
HETATM 94  C  C    . CGU A 1 10 ? 2.820   -1.157 -0.582  1.00 14.88 ? 10  CGU A C    1 
HETATM 95  O  O    . CGU A 1 10 ? 4.019   -1.433 -0.447  1.00 15.38 ? 10  CGU A O    1 
HETATM 96  C  CB   . CGU A 1 10 ? 1.248   -3.070 -1.005  1.00 13.62 ? 10  CGU A CB   1 
HETATM 97  C  CG   . CGU A 1 10 ? 2.338   -3.854 -1.687  1.00 13.51 ? 10  CGU A CG   1 
HETATM 98  C  CD1  . CGU A 1 10 ? 1.822   -4.749 -2.779  1.00 14.75 ? 10  CGU A CD1  1 
HETATM 99  C  CD2  . CGU A 1 10 ? 3.303   -4.574 -0.769  1.00 17.39 ? 10  CGU A CD2  1 
HETATM 100 O  OE11 . CGU A 1 10 ? 0.582   -4.690 -3.063  1.00 16.20 ? 10  CGU A OE11 1 
HETATM 101 O  OE12 . CGU A 1 10 ? 2.613   -5.530 -3.346  1.00 16.67 ? 10  CGU A OE12 1 
HETATM 102 O  OE21 . CGU A 1 10 ? 4.366   -4.999 -1.246  1.00 17.64 ? 10  CGU A OE21 1 
HETATM 103 O  OE22 . CGU A 1 10 ? 2.911   -4.877 0.387   1.00 19.87 ? 10  CGU A OE22 1 
ATOM   104 N  N    . LEU A 1 11 ? 2.408   -0.019 -1.199  1.00 15.45 ? 11  LEU A N    1 
ATOM   105 C  CA   . LEU A 1 11 ? 3.399   0.938  -1.687  1.00 15.67 ? 11  LEU A CA   1 
ATOM   106 C  C    . LEU A 1 11 ? 4.199   1.490  -0.507  1.00 15.48 ? 11  LEU A C    1 
ATOM   107 O  O    . LEU A 1 11 ? 5.403   1.674  -0.587  1.00 17.78 ? 11  LEU A O    1 
ATOM   108 C  CB   . LEU A 1 11 ? 2.722   2.064  -2.493  1.00 17.38 ? 11  LEU A CB   1 
ATOM   109 C  CG   . LEU A 1 11 ? 2.170   1.701  -3.869  1.00 18.26 ? 11  LEU A CG   1 
ATOM   110 C  CD1  . LEU A 1 11 ? 1.553   2.909  -4.559  1.00 22.10 ? 11  LEU A CD1  1 
ATOM   111 C  CD2  . LEU A 1 11 ? 3.172   1.019  -4.776  1.00 19.79 ? 11  LEU A CD2  1 
ATOM   112 N  N    . ILE A 1 12 ? 3.516   1.739  0.610   1.00 15.85 ? 12  ILE A N    1 
ATOM   113 C  CA   . ILE A 1 12 ? 4.198   2.262  1.795   1.00 17.17 ? 12  ILE A CA   1 
ATOM   114 C  C    . ILE A 1 12 ? 5.177   1.218  2.306   1.00 17.34 ? 12  ILE A C    1 
ATOM   115 O  O    . ILE A 1 12 ? 6.338   1.546  2.628   1.00 19.91 ? 12  ILE A O    1 
ATOM   116 C  CB   . ILE A 1 12 ? 3.166   2.687  2.851   1.00 17.41 ? 12  ILE A CB   1 
ATOM   117 C  CG1  . ILE A 1 12 ? 2.384   3.927  2.399   1.00 20.48 ? 12  ILE A CG1  1 
ATOM   118 C  CG2  . ILE A 1 12 ? 3.819   2.964  4.201   1.00 21.53 ? 12  ILE A CG2  1 
ATOM   119 C  CD1  . ILE A 1 12 ? 1.111   4.234  3.130   1.00 29.00 ? 12  ILE A CD1  1 
ATOM   120 N  N    . ARG A 1 13 ? 4.772   -0.049 2.356   1.00 17.28 ? 13  ARG A N    1 
ATOM   121 C  CA   . ARG A 1 13 ? 5.675   -1.135 2.728   1.00 17.35 ? 13  ARG A CA   1 
ATOM   122 C  C    . ARG A 1 13 ? 6.896   -1.255 1.820   1.00 20.19 ? 13  ARG A C    1 
ATOM   123 O  O    . ARG A 1 13 ? 8.049   -1.337 2.297   1.00 21.04 ? 13  ARG A O    1 
ATOM   124 C  CB   . ARG A 1 13 ? 4.918   -2.451 2.831   1.00 19.32 ? 13  ARG A CB   1 
ATOM   125 C  CG   . ARG A 1 13 ? 5.713   -3.563 3.516   1.00 21.43 ? 13  ARG A CG   1 
ATOM   126 C  CD   . ARG A 1 13 ? 5.066   -4.915 3.313   1.00 22.55 ? 13  ARG A CD   1 
ATOM   127 N  NE   . ARG A 1 13 ? 5.231   -5.366 1.928   1.00 25.55 ? 13  ARG A NE   1 
ATOM   128 C  CZ   . ARG A 1 13 ? 6.267   -6.015 1.424   1.00 23.32 ? 13  ARG A CZ   1 
ATOM   129 N  NH1  . ARG A 1 13 ? 7.299   -6.333 2.199   1.00 34.17 ? 13  ARG A NH1  1 
ATOM   130 N  NH2  . ARG A 1 13 ? 6.222   -6.355 0.142   1.00 28.41 ? 13  ARG A NH2  1 
HETATM 131 N  N    . CGU A 1 14 ? 6.651   -1.195 0.508   1.00 18.31 ? 14  CGU A N    1 
HETATM 132 C  CA   . CGU A 1 14 ? 7.761   -1.264 -0.433  1.00 19.81 ? 14  CGU A CA   1 
HETATM 133 C  C    . CGU A 1 14 ? 8.753   -0.142 -0.205  1.00 17.62 ? 14  CGU A C    1 
HETATM 134 O  O    . CGU A 1 14 ? 9.966   -0.249 -0.236  1.00 21.46 ? 14  CGU A O    1 
HETATM 135 C  CB   . CGU A 1 14 ? 7.231   -1.176 -1.866  1.00 19.46 ? 14  CGU A CB   1 
HETATM 136 C  CG   . CGU A 1 14 ? 6.536   -2.434 -2.336  1.00 18.00 ? 14  CGU A CG   1 
HETATM 137 C  CD1  . CGU A 1 14 ? 7.519   -3.570 -2.610  1.00 19.86 ? 14  CGU A CD1  1 
HETATM 138 C  CD2  . CGU A 1 14 ? 5.712   -2.202 -3.603  1.00 18.77 ? 14  CGU A CD2  1 
HETATM 139 O  OE11 . CGU A 1 14 ? 7.071   -4.720 -2.764  1.00 21.52 ? 14  CGU A OE11 1 
HETATM 140 O  OE12 . CGU A 1 14 ? 8.741   -3.370 -2.432  1.00 25.17 ? 14  CGU A OE12 1 
HETATM 141 O  OE21 . CGU A 1 14 ? 4.877   -3.069 -3.933  1.00 17.98 ? 14  CGU A OE21 1 
HETATM 142 O  OE22 . CGU A 1 14 ? 5.946   -1.215 -4.328  1.00 21.27 ? 14  CGU A OE22 1 
ATOM   143 N  N    . LYS A 1 15 ? 8.233   1.050  0.054   1.00 19.81 ? 15  LYS A N    1 
ATOM   144 C  CA   . LYS A 1 15 ? 9.165   2.184  0.220   1.00 22.16 ? 15  LYS A CA   1 
ATOM   145 C  C    . LYS A 1 15 ? 9.909   2.076  1.551   1.00 22.52 ? 15  LYS A C    1 
ATOM   146 O  O    . LYS A 1 15 ? 11.097  2.425  1.658   1.00 26.11 ? 15  LYS A O    1 
ATOM   147 C  CB   . LYS A 1 15 ? 8.330   3.460  0.251   1.00 21.63 ? 15  LYS A CB   1 
ATOM   148 C  CG   . LYS A 1 15 ? 9.189   4.698  0.171   1.00 22.26 ? 15  LYS A CG   1 
ATOM   149 C  CD   . LYS A 1 15 ? 8.364   5.834  -0.398  1.00 24.64 ? 15  LYS A CD   1 
ATOM   150 C  CE   . LYS A 1 15 ? 9.165   7.121  -0.280  1.00 26.71 ? 15  LYS A CE   1 
ATOM   151 N  NZ   . LYS A 1 15 ? 8.232   8.236  -0.628  1.00 24.23 ? 15  LYS A NZ   1 
ATOM   152 N  N    . SER A 1 16 ? 9.250   1.600  2.597   1.00 22.06 ? 16  SER A N    1 
ATOM   153 C  CA   . SER A 1 16 ? 9.897   1.507  3.911   1.00 24.15 ? 16  SER A CA   1 
ATOM   154 C  C    . SER A 1 16 ? 10.989  0.465  3.904   1.00 23.94 ? 16  SER A C    1 
ATOM   155 O  O    . SER A 1 16 ? 11.966  0.582  4.641   1.00 28.70 ? 16  SER A O    1 
ATOM   156 C  CB   A SER A 1 16 ? 8.847   1.146  4.984   0.50 34.44 ? 16  SER A CB   1 
ATOM   157 C  CB   B SER A 1 16 ? 8.855   1.186  4.998   0.50 34.95 ? 16  SER A CB   1 
ATOM   158 O  OG   A SER A 1 16 ? 9.458   1.179  6.263   0.50 29.93 ? 16  SER A OG   1 
ATOM   159 O  OG   B SER A 1 16 ? 7.844   2.181  4.994   0.50 28.80 ? 16  SER A OG   1 
ATOM   160 N  N    . ASN A 1 17 ? 10.831  -0.550 3.050   1.00 21.40 ? 17  ASN A N    1 
ATOM   161 C  CA   . ASN A 1 17 ? 11.855  -1.590 2.971   1.00 24.30 ? 17  ASN A CA   1 
ATOM   162 C  C    . ASN A 1 17 ? 12.991  -1.193 2.029   1.00 31.18 ? 17  ASN A C    1 
ATOM   163 O  O    . ASN A 1 17 ? 14.049  -1.822 2.158   1.00 40.58 ? 17  ASN A O    1 
ATOM   164 C  CB   . ASN A 1 17 ? 11.214  -2.852 2.416   1.00 30.68 ? 17  ASN A CB   1 
ATOM   165 C  CG   . ASN A 1 17 ? 10.337  -3.499 3.474   1.00 29.10 ? 17  ASN A CG   1 
ATOM   166 O  OD1  . ASN A 1 17 ? 10.289  -3.058 4.628   1.00 31.10 ? 17  ASN A OD1  1 
ATOM   167 N  ND2  . ASN A 1 17 ? 9.628   -4.536 3.034   1.00 36.10 ? 17  ASN A ND2  1 
HETATM 168 N  N    . NH2 A 1 18 ? 12.761  -0.293 1.109   1.00 37.15 ? 18  NH2 A N    1 
HETATM 169 CL CL   . CL  B 2 .  ? 15.617  0.912  0.776   1.00 55.10 ? 104 CL  A CL   1 
HETATM 170 CA CA   . CA  C 3 .  ? -1.009  -5.686 -4.381  0.50 13.40 ? 101 CA  A CA   1 
HETATM 171 CA CA   . CA  D 3 .  ? -6.415  -7.186 -2.274  1.00 16.99 ? 102 CA  A CA   1 
HETATM 172 CA CA   . CA  E 3 .  ? -5.196  -5.241 -6.180  1.00 20.52 ? 103 CA  A CA   1 
HETATM 173 O  O    . HOH F 4 .  ? 0.990   -4.496 2.407   1.00 31.49 ? 105 HOH A O    1 
HETATM 174 O  O    . HOH F 4 .  ? -14.333 -0.737 -1.623  1.00 25.63 ? 106 HOH A O    1 
HETATM 175 O  O    . HOH F 4 .  ? -3.666  2.612  -4.476  1.00 22.99 ? 107 HOH A O    1 
HETATM 176 O  O    A HOH F 4 .  ? -10.395 -5.924 -1.499  0.80 30.33 ? 108 HOH A O    1 
HETATM 177 O  O    B HOH F 4 .  ? -10.650 -7.175 -1.192  0.20 17.22 ? 108 HOH A O    1 
HETATM 178 O  O    . HOH F 4 .  ? -8.304  0.180  -8.619  1.00 27.52 ? 109 HOH A O    1 
HETATM 179 O  O    . HOH F 4 .  ? -1.325  -4.388 1.398   1.00 35.81 ? 110 HOH A O    1 
HETATM 180 O  O    . HOH F 4 .  ? -12.078 3.561  -6.230  0.50 38.61 ? 111 HOH A O    1 
HETATM 181 O  O    . HOH F 4 .  ? -12.192 -3.502 -6.223  1.00 36.30 ? 112 HOH A O    1 
HETATM 182 O  O    . HOH F 4 .  ? -5.936  0.940  -7.660  1.00 39.02 ? 113 HOH A O    1 
HETATM 183 O  O    . HOH F 4 .  ? -1.406  2.406  -4.792  1.00 36.43 ? 114 HOH A O    1 
HETATM 184 O  O    . HOH F 4 .  ? 6.254   7.823  1.800   1.00 26.44 ? 115 HOH A O    1 
HETATM 185 O  O    . HOH F 4 .  ? 9.429   5.210  4.240   1.00 50.62 ? 116 HOH A O    1 
HETATM 186 O  O    . HOH F 4 .  ? -7.329  -2.096 -8.136  1.00 37.29 ? 117 HOH A O    1 
HETATM 187 O  O    . HOH F 4 .  ? -12.183 -1.957 -3.740  1.00 25.05 ? 118 HOH A O    1 
HETATM 188 O  O    . HOH F 4 .  ? 11.130  -2.200 -1.374  1.00 38.74 ? 119 HOH A O    1 
HETATM 189 O  O    . HOH F 4 .  ? 10.997  -3.856 -3.469  1.00 42.40 ? 120 HOH A O    1 
HETATM 190 O  O    . HOH F 4 .  ? -2.528  1.150  -6.715  1.00 25.44 ? 121 HOH A O    1 
HETATM 191 O  O    A HOH F 4 .  ? 6.677   2.264  -3.773  0.50 27.12 ? 122 HOH A O    1 
HETATM 192 O  O    B HOH F 4 .  ? 8.337   2.275  -5.079  0.50 30.12 ? 122 HOH A O    1 
HETATM 193 O  O    . HOH F 4 .  ? -9.337  -8.252 1.138   1.00 36.50 ? 123 HOH A O    1 
HETATM 194 O  O    . HOH F 4 .  ? 1.438   -3.023 4.585   1.00 48.89 ? 124 HOH A O    1 
HETATM 195 O  O    . HOH F 4 .  ? 10.773  -4.484 -0.407  1.00 51.14 ? 125 HOH A O    1 
HETATM 196 O  O    . HOH F 4 .  ? 7.026   4.409  3.440   1.00 38.12 ? 126 HOH A O    1 
HETATM 197 O  O    . HOH F 4 .  ? -1.382  -6.242 0.047   1.00 45.81 ? 127 HOH A O    1 
HETATM 198 O  O    . HOH F 4 .  ? -5.677  4.607  -1.336  1.00 40.88 ? 128 HOH A O    1 
HETATM 199 O  O    . HOH F 4 .  ? -7.853  6.723  -7.607  1.00 35.83 ? 129 HOH A O    1 
HETATM 200 O  O    . HOH F 4 .  ? -2.705  6.279  3.516   1.00 38.04 ? 130 HOH A O    1 
HETATM 201 O  O    . HOH F 4 .  ? -11.860 -0.442 -5.998  1.00 44.77 ? 131 HOH A O    1 
HETATM 202 O  O    . HOH F 4 .  ? -2.197  3.450  5.927   1.00 59.13 ? 132 HOH A O    1 
HETATM 203 O  O    . HOH F 4 .  ? 1.901   -2.658 -9.305  1.00 32.27 ? 133 HOH A O    1 
HETATM 204 O  O    . HOH F 4 .  ? -10.371 -4.597 -9.074  1.00 41.40 ? 134 HOH A O    1 
HETATM 205 O  O    . HOH F 4 .  ? 0.528   -1.450 -4.468  1.00 15.25 ? 135 HOH A O    1 
HETATM 206 O  O    . HOH F 4 .  ? 2.809   -2.641 -5.540  1.00 17.45 ? 136 HOH A O    1 
HETATM 207 O  O    . HOH F 4 .  ? -2.296  -4.852 -2.408  1.00 14.72 ? 137 HOH A O    1 
HETATM 208 O  O    . HOH F 4 .  ? 0.067   0.184  -6.630  1.00 23.67 ? 138 HOH A O    1 
HETATM 209 O  O    . HOH F 4 .  ? -5.146  -3.143 5.364   1.00 33.50 ? 139 HOH A O    1 
HETATM 210 O  O    . HOH F 4 .  ? -7.801  -3.438 4.748   1.00 40.62 ? 140 HOH A O    1 
HETATM 211 O  O    . HOH F 4 .  ? -3.263  -5.771 -7.867  1.00 25.90 ? 141 HOH A O    1 
HETATM 212 O  O    . HOH F 4 .  ? -10.676 5.421  -1.933  0.50 37.73 ? 142 HOH A O    1 
HETATM 213 O  O    . HOH F 4 .  ? -2.869  2.248  -8.979  1.00 38.32 ? 143 HOH A O    1 
HETATM 214 O  O    . HOH F 4 .  ? 15.316  3.138  -0.204  1.00 50.89 ? 144 HOH A O    1 
HETATM 215 O  O    . HOH F 4 .  ? -4.709  3.391  -8.226  1.00 52.89 ? 145 HOH A O    1 
HETATM 216 O  O    . HOH F 4 .  ? -0.291  1.336  6.541   1.00 57.05 ? 146 HOH A O    1 
HETATM 217 O  O    . HOH F 4 .  ? -2.243  -3.642 3.641   1.00 63.29 ? 147 HOH A O    1 
HETATM 218 O  O    . HOH F 4 .  ? -3.610  -6.888 1.382   1.00 64.45 ? 148 HOH A O    1 
HETATM 219 O  O    . HOH F 4 .  ? 8.630   7.163  5.825   1.00 62.55 ? 149 HOH A O    1 
HETATM 220 O  O    . HOH F 4 .  ? 0.751   -0.759 6.740   1.00 53.45 ? 150 HOH A O    1 
HETATM 221 O  O    . HOH F 4 .  ? 8.258   -1.005 -5.536  1.00 61.06 ? 151 HOH A O    1 
HETATM 222 O  O    . HOH F 4 .  ? -4.152  0.683  -10.785 1.00 67.34 ? 152 HOH A O    1 
HETATM 223 O  O    . HOH F 4 .  ? 10.163  1.045  -7.682  1.00 52.39 ? 153 HOH A O    1 
HETATM 224 O  O    . HOH F 4 .  ? 12.776  2.433  6.203   1.00 56.22 ? 154 HOH A O    1 
HETATM 225 O  O    . HOH F 4 .  ? -14.376 -4.262 -7.026  1.00 45.66 ? 155 HOH A O    1 
HETATM 226 O  O    . HOH F 4 .  ? -7.907  -2.406 -11.781 1.00 56.93 ? 156 HOH A O    1 
HETATM 227 O  O    . HOH F 4 .  ? -11.461 -1.769 -10.048 1.00 61.59 ? 157 HOH A O    1 
HETATM 228 O  O    . HOH F 4 .  ? -9.708  4.260  -0.208  1.00 58.16 ? 158 HOH A O    1 
HETATM 229 O  O    . HOH F 4 .  ? -8.018  2.749  -8.675  1.00 54.26 ? 159 HOH A O    1 
HETATM 230 O  O    . HOH F 4 .  ? -0.708  -2.706 -10.201 1.00 50.43 ? 160 HOH A O    1 
HETATM 231 O  O    . HOH F 4 .  ? -12.748 -0.914 -8.174  1.00 52.46 ? 161 HOH A O    1 
HETATM 232 O  O    . HOH F 4 .  ? -0.571  1.902  -8.713  1.00 58.23 ? 162 HOH A O    1 
HETATM 233 O  O    . HOH F 4 .  ? -7.915  -4.058 -9.650  1.00 61.46 ? 163 HOH A O    1 
HETATM 234 O  O    . HOH F 4 .  ? -11.077 5.427  -7.904  1.00 46.04 ? 164 HOH A O    1 
HETATM 235 O  O    . HOH F 4 .  ? 12.256  4.253  3.700   1.00 55.21 ? 165 HOH A O    1 
HETATM 236 O  O    . HOH F 4 .  ? 6.794   2.283  7.031   1.00 70.98 ? 166 HOH A O    1 
HETATM 237 O  O    . HOH F 4 .  ? 4.589   2.265  7.652   1.00 55.03 ? 167 HOH A O    1 
HETATM 238 O  O    . HOH F 4 .  ? 12.316  5.378  1.619   1.00 55.99 ? 168 HOH A O    1 
HETATM 239 O  O    . HOH F 4 .  ? -0.038  -5.114 -11.164 1.00 62.57 ? 169 HOH A O    1 
HETATM 240 O  O    . HOH F 4 .  ? -6.825  6.497  -1.794  0.90 39.68 ? 170 HOH A O    1 
HETATM 241 O  O    . HOH F 4 .  ? -10.830 -2.027 -7.308  1.00 55.71 ? 171 HOH A O    1 
# 
loop_
_atom_site_anisotrop.id 
_atom_site_anisotrop.type_symbol 
_atom_site_anisotrop.pdbx_label_atom_id 
_atom_site_anisotrop.pdbx_label_alt_id 
_atom_site_anisotrop.pdbx_label_comp_id 
_atom_site_anisotrop.pdbx_label_asym_id 
_atom_site_anisotrop.pdbx_label_seq_id 
_atom_site_anisotrop.pdbx_PDB_ins_code 
_atom_site_anisotrop.U[1][1] 
_atom_site_anisotrop.U[2][2] 
_atom_site_anisotrop.U[3][3] 
_atom_site_anisotrop.U[1][2] 
_atom_site_anisotrop.U[1][3] 
_atom_site_anisotrop.U[2][3] 
_atom_site_anisotrop.pdbx_auth_seq_id 
_atom_site_anisotrop.pdbx_auth_comp_id 
_atom_site_anisotrop.pdbx_auth_asym_id 
_atom_site_anisotrop.pdbx_auth_atom_id 
1   N  N    . GLY A 1  ? 0.2379 0.2805 0.3173 0.0999  0.0255  -0.0338 1   GLY A N    
2   C  CA   . GLY A 1  ? 0.1581 0.2749 0.3199 0.0969  0.0024  -0.0001 1   GLY A CA   
3   C  C    . GLY A 1  ? 0.1668 0.2539 0.2411 0.0419  0.0210  -0.0378 1   GLY A C    
4   O  O    . GLY A 1  ? 0.1493 0.2422 0.2506 0.0381  0.0309  -0.0340 1   GLY A O    
5   N  N    . GLU A 2  ? 0.1644 0.2421 0.2297 0.0359  -0.0025 -0.0031 2   GLU A N    
6   C  CA   . GLU A 2  ? 0.1644 0.2401 0.2071 0.0535  0.0201  -0.0198 2   GLU A CA   
7   C  C    . GLU A 2  ? 0.1683 0.2588 0.1965 0.0340  0.0034  -0.0447 2   GLU A C    
8   O  O    . GLU A 2  ? 0.1790 0.2508 0.2307 0.0739  -0.0097 -0.0300 2   GLU A O    
9   C  CB   . GLU A 2  ? 0.1612 0.2313 0.2583 0.0154  0.0312  -0.0088 2   GLU A CB   
10  C  CG   . GLU A 2  ? 0.1969 0.2801 0.2668 0.0343  0.0432  -0.0025 2   GLU A CG   
11  C  CD   . GLU A 2  ? 0.2055 0.2565 0.2431 0.0166  0.0501  -0.0074 2   GLU A CD   
12  O  OE1  . GLU A 2  ? 0.2675 0.2789 0.2734 0.0372  0.0830  -0.0422 2   GLU A OE1  
13  O  OE2  . GLU A 2  ? 0.2443 0.3340 0.2688 0.0884  0.0455  -0.0212 2   GLU A OE2  
14  N  N    . CGU A 3  ? 0.1603 0.2383 0.2260 0.0613  0.0114  -0.0568 3   CGU A N    
15  C  CA   . CGU A 3  ? 0.2321 0.2224 0.1938 0.0500  0.0117  -0.0317 3   CGU A CA   
16  C  C    . CGU A 3  ? 0.1728 0.2474 0.1806 0.0472  0.0073  -0.0329 3   CGU A C    
17  O  O    . CGU A 3  ? 0.1566 0.2309 0.2159 0.0756  -0.0025 -0.0560 3   CGU A O    
18  C  CB   . CGU A 3  ? 0.2485 0.2926 0.2048 0.0522  -0.0163 -0.0523 3   CGU A CB   
19  C  CG   . CGU A 3  ? 0.2029 0.2948 0.2650 0.0814  -0.0427 -0.0925 3   CGU A CG   
20  C  CD1  . CGU A 3  ? 0.1934 0.3345 0.2893 0.0532  -0.0448 -0.1188 3   CGU A CD1  
21  C  CD2  . CGU A 3  ? 0.2444 0.1999 0.2820 0.0239  -0.0239 -0.0760 3   CGU A CD2  
22  O  OE11 . CGU A 3  ? 0.1992 0.5544 0.2892 0.1059  -0.0367 -0.1494 3   CGU A OE11 
23  O  OE12 . CGU A 3  ? 0.2046 0.2910 0.2816 0.0300  -0.0081 -0.0981 3   CGU A OE12 
24  O  OE21 . CGU A 3  ? 0.2104 0.1966 0.3344 0.0438  -0.0293 -0.0370 3   CGU A OE21 
25  O  OE22 . CGU A 3  ? 0.1832 0.2674 0.3030 0.0549  0.0160  -0.0723 3   CGU A OE22 
26  N  N    . CGU A 4  ? 0.1619 0.2039 0.2228 0.0590  0.0057  -0.0166 4   CGU A N    
27  C  CA   . CGU A 4  ? 0.1676 0.2315 0.2128 0.0795  0.0380  -0.0289 4   CGU A CA   
28  C  C    . CGU A 4  ? 0.1869 0.1766 0.2014 0.0476  0.0219  -0.0526 4   CGU A C    
29  O  O    . CGU A 4  ? 0.1411 0.2305 0.2558 0.0632  0.0257  -0.0346 4   CGU A O    
30  C  CB   . CGU A 4  ? 0.2065 0.2481 0.1901 0.0617  0.0440  0.0123  4   CGU A CB   
31  C  CG   . CGU A 4  ? 0.2525 0.3294 0.2335 0.0700  0.0756  0.0409  4   CGU A CG   
32  C  CD1  . CGU A 4  ? 0.3678 0.3241 0.4084 0.0873  0.0853  0.1292  4   CGU A CD1  
33  C  CD2  . CGU A 4  ? 0.3360 0.3706 0.2527 0.0672  -0.0344 -0.0356 4   CGU A CD2  
34  O  OE11 . CGU A 4  ? 0.3639 0.3843 0.6566 0.1851  0.0826  0.1009  4   CGU A OE11 
35  O  OE12 . CGU A 4  ? 0.4535 0.3784 0.7532 0.0871  0.0036  0.1706  4   CGU A OE12 
36  O  OE21 . CGU A 4  ? 0.2474 0.3105 0.2553 0.0895  -0.0388 -0.0147 4   CGU A OE21 
37  O  OE22 . CGU A 4  ? 0.4071 0.5474 0.2585 0.0511  -0.0439 -0.0873 4   CGU A OE22 
38  N  N    . LEU A 5  ? 0.1493 0.1870 0.1902 0.0643  0.0206  -0.0347 5   LEU A N    
39  C  CA   . LEU A 5  ? 0.1777 0.2105 0.1926 0.0806  0.0163  -0.0335 5   LEU A CA   
40  C  C    . LEU A 5  ? 0.1604 0.1811 0.2153 0.0437  0.0150  -0.0455 5   LEU A C    
41  O  O    . LEU A 5  ? 0.1775 0.1969 0.2297 0.0494  -0.0040 -0.0248 5   LEU A O    
42  C  CB   A LEU A 5  ? 0.1910 0.2125 0.1984 0.0799  0.0159  -0.0361 5   LEU A CB   
43  C  CB   B LEU A 5  ? 0.1584 0.2068 0.1744 0.0540  -0.0004 -0.0479 5   LEU A CB   
44  C  CG   A LEU A 5  ? 0.2767 0.3523 0.2270 0.0612  0.0321  -0.0153 5   LEU A CG   
45  C  CG   B LEU A 5  ? 0.1715 0.2012 0.1124 0.0387  0.0646  -0.0067 5   LEU A CG   
46  C  CD1  A LEU A 5  ? 0.3100 0.2596 0.3361 0.0814  -0.0172 -0.0757 5   LEU A CD1  
47  C  CD1  B LEU A 5  ? 0.1987 0.2948 0.0992 0.0142  0.0937  -0.0343 5   LEU A CD1  
48  C  CD2  A LEU A 5  ? 0.3152 0.7552 0.2606 0.0211  0.1143  -0.0426 5   LEU A CD2  
49  C  CD2  B LEU A 5  ? 0.2262 0.1988 0.3731 0.0454  0.0531  -0.0874 5   LEU A CD2  
50  N  N    . GLN A 6  ? 0.1364 0.1984 0.1915 0.0480  0.0117  -0.0275 6   GLN A N    
51  C  CA   . GLN A 6  ? 0.1414 0.1904 0.2161 0.0401  0.0139  -0.0338 6   GLN A CA   
52  C  C    . GLN A 6  ? 0.1358 0.1655 0.2197 0.0156  -0.0015 0.0066  6   GLN A C    
53  O  O    . GLN A 6  ? 0.1334 0.1991 0.2417 0.0548  -0.0001 -0.0140 6   GLN A O    
54  C  CB   . GLN A 6  ? 0.1303 0.2137 0.2080 0.0450  0.0261  -0.0118 6   GLN A CB   
55  C  CG   . GLN A 6  ? 0.1761 0.2144 0.2161 0.0553  0.0332  0.0057  6   GLN A CG   
56  C  CD   . GLN A 6  ? 0.1669 0.2290 0.2895 0.0118  0.0406  -0.0309 6   GLN A CD   
57  O  OE1  . GLN A 6  ? 0.1399 0.2176 0.2330 0.0082  0.0586  -0.0589 6   GLN A OE1  
58  N  NE2  . GLN A 6  ? 0.2259 0.2953 0.3693 0.0099  0.0928  0.0057  6   GLN A NE2  
59  N  N    . CGU A 7  ? 0.1325 0.1956 0.2094 0.0254  0.0185  -0.0340 7   CGU A N    
60  C  CA   . CGU A 7  ? 0.1138 0.1680 0.2266 0.0422  0.0177  -0.0126 7   CGU A CA   
61  C  C    . CGU A 7  ? 0.1345 0.1812 0.2123 0.0222  0.0059  -0.0141 7   CGU A C    
62  O  O    . CGU A 7  ? 0.1505 0.1882 0.2297 0.0383  0.0026  -0.0335 7   CGU A O    
63  C  CB   . CGU A 7  ? 0.1442 0.1618 0.2152 0.0240  0.0168  -0.0023 7   CGU A CB   
64  C  CG   . CGU A 7  ? 0.1466 0.1565 0.2306 0.0341  -0.0002 -0.0216 7   CGU A CG   
65  C  CD1  . CGU A 7  ? 0.1331 0.1948 0.1993 0.0116  0.0027  -0.0281 7   CGU A CD1  
66  C  CD2  . CGU A 7  ? 0.1809 0.2181 0.2982 0.0434  -0.0094 -0.0262 7   CGU A CD2  
67  O  OE11 . CGU A 7  ? 0.1446 0.1813 0.2292 0.0168  0.0275  -0.0419 7   CGU A OE11 
68  O  OE12 . CGU A 7  ? 0.1479 0.1717 0.2123 0.0202  0.0107  -0.0274 7   CGU A OE12 
69  O  OE21 . CGU A 7  ? 0.2339 0.2334 0.2693 0.0317  -0.0542 -0.0043 7   CGU A OE21 
70  O  OE22 . CGU A 7  ? 0.1965 0.1996 0.2988 0.0305  -0.0191 -0.0231 7   CGU A OE22 
71  N  N    . ASN A 8  ? 0.1476 0.1903 0.2208 0.0301  0.0089  -0.0385 8   ASN A N    
72  C  CA   . ASN A 8  ? 0.1629 0.1683 0.2854 0.0422  -0.0026 -0.0170 8   ASN A CA   
73  C  C    . ASN A 8  ? 0.2014 0.1298 0.3054 0.0260  -0.0079 -0.0408 8   ASN A C    
74  O  O    . ASN A 8  ? 0.1755 0.1855 0.3147 0.0170  -0.0116 -0.0594 8   ASN A O    
75  C  CB   . ASN A 8  ? 0.1868 0.1588 0.2845 0.0548  0.0362  -0.0632 8   ASN A CB   
76  C  CG   . ASN A 8  ? 0.2260 0.2368 0.3080 0.0886  -0.0133 -0.0584 8   ASN A CG   
77  O  OD1  . ASN A 8  ? 0.3371 0.2452 0.3794 -0.0079 -0.0186 -0.0540 8   ASN A OD1  
78  N  ND2  . ASN A 8  ? 0.3470 0.3774 0.3475 0.0677  0.0154  -0.1033 8   ASN A ND2  
79  N  N    . GLN A 9  ? 0.1633 0.2215 0.2525 0.0660  -0.0015 -0.0314 9   GLN A N    
80  C  CA   . GLN A 9  ? 0.2046 0.2570 0.2065 0.0769  -0.0107 -0.0510 9   GLN A CA   
81  C  C    . GLN A 9  ? 0.1638 0.2166 0.2402 0.0525  0.0121  -0.0380 9   GLN A C    
82  O  O    . GLN A 9  ? 0.1395 0.2285 0.2535 0.0282  -0.0087 -0.0278 9   GLN A O    
83  C  CB   . GLN A 9  ? 0.1848 0.2024 0.2710 0.0446  -0.0121 -0.0370 9   GLN A CB   
84  C  CG   A GLN A 9  ? 0.2131 0.3300 0.2753 0.0603  -0.0069 -0.0474 9   GLN A CG   
85  C  CG   B GLN A 9  ? 0.1651 0.3402 0.2519 0.0815  -0.0332 -0.0438 9   GLN A CG   
86  C  CD   A GLN A 9  ? 0.2346 0.4291 0.2242 0.0866  0.0147  0.0008  9   GLN A CD   
87  C  CD   B GLN A 9  ? 0.2098 0.3989 0.2720 0.0708  0.0107  -0.0180 9   GLN A CD   
88  O  OE1  A GLN A 9  ? 0.3151 0.4713 0.3457 0.0334  0.0809  -0.0243 9   GLN A OE1  
89  O  OE1  B GLN A 9  ? 0.3369 0.4328 0.2423 0.0892  0.0469  -0.0140 9   GLN A OE1  
90  N  NE2  A GLN A 9  ? 0.2542 0.5712 0.3350 0.0039  0.0621  -0.0954 9   GLN A NE2  
91  N  NE2  B GLN A 9  ? 0.1778 0.5256 0.3937 -0.0237 -0.0807 0.0373  9   GLN A NE2  
92  N  N    . CGU A 10 ? 0.1267 0.1800 0.2699 0.0485  0.0179  -0.0566 10  CGU A N    
93  C  CA   . CGU A 10 ? 0.1806 0.1814 0.2062 0.0252  0.0183  -0.0171 10  CGU A CA   
94  C  C    . CGU A 10 ? 0.1630 0.1791 0.2230 -0.0092 -0.0118 -0.0183 10  CGU A C    
95  O  O    . CGU A 10 ? 0.1234 0.1970 0.2641 0.0169  -0.0185 -0.0071 10  CGU A O    
96  C  CB   . CGU A 10 ? 0.1468 0.1562 0.2145 0.0196  0.0233  -0.0316 10  CGU A CB   
97  C  CG   . CGU A 10 ? 0.1285 0.1392 0.2458 0.0317  0.0208  -0.0153 10  CGU A CG   
98  C  CD1  . CGU A 10 ? 0.1202 0.1695 0.2707 0.0270  0.0274  -0.0553 10  CGU A CD1  
99  C  CD2  . CGU A 10 ? 0.1941 0.2127 0.2538 0.0781  -0.0011 -0.0089 10  CGU A CD2  
100 O  OE11 . CGU A 10 ? 0.1440 0.1850 0.2867 0.0376  0.0013  -0.0485 10  CGU A OE11 
101 O  OE12 . CGU A 10 ? 0.1362 0.2227 0.2744 0.0458  0.0224  -0.0644 10  CGU A OE12 
102 O  OE21 . CGU A 10 ? 0.1484 0.2283 0.2934 0.0574  -0.0197 -0.0298 10  CGU A OE21 
103 O  OE22 . CGU A 10 ? 0.2197 0.2268 0.3086 0.0166  -0.0314 0.0391  10  CGU A OE22 
104 N  N    . LEU A 11 ? 0.1461 0.1796 0.2615 0.0067  -0.0064 -0.0363 11  LEU A N    
105 C  CA   . LEU A 11 ? 0.2159 0.1750 0.2045 0.0014  -0.0077 -0.0195 11  LEU A CA   
106 C  C    . LEU A 11 ? 0.1593 0.1876 0.2411 -0.0036 0.0028  -0.0209 11  LEU A C    
107 O  O    . LEU A 11 ? 0.1855 0.2062 0.2841 -0.0237 0.0142  -0.0239 11  LEU A O    
108 C  CB   . LEU A 11 ? 0.1778 0.2274 0.2553 0.0216  -0.0373 -0.0095 11  LEU A CB   
109 C  CG   . LEU A 11 ? 0.2041 0.2175 0.2723 0.0609  -0.0240 -0.0212 11  LEU A CG   
110 C  CD1  . LEU A 11 ? 0.3378 0.2279 0.2740 0.0777  -0.1442 -0.0209 11  LEU A CD1  
111 C  CD2  . LEU A 11 ? 0.1653 0.2991 0.2873 -0.0078 0.0313  -0.0329 11  LEU A CD2  
112 N  N    . ILE A 12 ? 0.1581 0.2156 0.2286 0.0064  -0.0167 -0.0502 12  ILE A N    
113 C  CA   . ILE A 12 ? 0.1903 0.2161 0.2460 0.0049  -0.0200 -0.0470 12  ILE A CA   
114 C  C    . ILE A 12 ? 0.1774 0.2140 0.2673 0.0119  -0.0199 -0.0225 12  ILE A C    
115 O  O    . ILE A 12 ? 0.2031 0.2410 0.3122 -0.0259 -0.0553 -0.0326 12  ILE A O    
116 C  CB   . ILE A 12 ? 0.2152 0.2368 0.2094 0.0220  -0.0202 -0.0127 12  ILE A CB   
117 C  CG1  . ILE A 12 ? 0.2352 0.2370 0.3059 0.0189  -0.0226 -0.0238 12  ILE A CG1  
118 C  CG2  . ILE A 12 ? 0.2610 0.3447 0.2125 -0.0354 -0.0328 -0.0333 12  ILE A CG2  
119 C  CD1  . ILE A 12 ? 0.3445 0.3244 0.4328 0.1065  0.0106  -0.1036 12  ILE A CD1  
120 N  N    . ARG A 13 ? 0.1762 0.2415 0.2389 -0.0050 -0.0070 -0.0139 13  ARG A N    
121 C  CA   . ARG A 13 ? 0.1715 0.2612 0.2266 0.0077  -0.0215 0.0383  13  ARG A CA   
122 C  C    . ARG A 13 ? 0.2172 0.2484 0.3017 0.0138  -0.0129 0.0131  13  ARG A C    
123 O  O    . ARG A 13 ? 0.1648 0.2793 0.3555 -0.0090 -0.0781 0.0533  13  ARG A O    
124 C  CB   . ARG A 13 ? 0.2157 0.2410 0.2774 -0.0041 -0.0836 -0.0034 13  ARG A CB   
125 C  CG   . ARG A 13 ? 0.2103 0.2702 0.3339 0.0063  -0.0571 0.0290  13  ARG A CG   
126 C  CD   . ARG A 13 ? 0.2129 0.2530 0.3907 0.0173  -0.0144 0.0288  13  ARG A CD   
127 N  NE   . ARG A 13 ? 0.2352 0.3068 0.4288 0.0425  0.0152  0.0079  13  ARG A NE   
128 C  CZ   . ARG A 13 ? 0.1922 0.3166 0.3772 0.0901  -0.0355 0.0342  13  ARG A CZ   
129 N  NH1  . ARG A 13 ? 0.2887 0.5118 0.4978 0.1564  -0.1013 -0.0148 13  ARG A NH1  
130 N  NH2  . ARG A 13 ? 0.2808 0.3813 0.4172 0.1040  0.0217  0.0348  13  ARG A NH2  
131 N  N    . CGU A 14 ? 0.1681 0.2477 0.2799 0.0160  -0.0047 0.0084  14  CGU A N    
132 C  CA   . CGU A 14 ? 0.2347 0.2056 0.3126 -0.0240 0.0251  -0.0095 14  CGU A CA   
133 C  C    . CGU A 14 ? 0.1521 0.2087 0.3085 0.0030  -0.0058 -0.0021 14  CGU A C    
134 O  O    . CGU A 14 ? 0.1926 0.2745 0.3483 -0.0144 -0.0051 0.0091  14  CGU A O    
135 C  CB   . CGU A 14 ? 0.1984 0.2235 0.3174 -0.0212 0.0222  0.0186  14  CGU A CB   
136 C  CG   . CGU A 14 ? 0.1923 0.1742 0.3174 0.0391  -0.0011 -0.0205 14  CGU A CG   
137 C  CD1  . CGU A 14 ? 0.1509 0.2249 0.3789 0.0095  0.0158  0.0008  14  CGU A CD1  
138 C  CD2  . CGU A 14 ? 0.2122 0.2040 0.2971 0.0441  0.0314  -0.0278 14  CGU A CD2  
139 O  OE11 . CGU A 14 ? 0.1674 0.2108 0.4394 0.0322  0.0203  -0.0393 14  CGU A OE11 
140 O  OE12 . CGU A 14 ? 0.2017 0.3194 0.4352 -0.0022 -0.0075 -0.0010 14  CGU A OE12 
141 O  OE21 . CGU A 14 ? 0.1731 0.1877 0.3222 0.0338  0.0320  -0.0306 14  CGU A OE21 
142 O  OE22 . CGU A 14 ? 0.2385 0.2066 0.3630 -0.0067 -0.0156 0.0229  14  CGU A OE22 
143 N  N    . LYS A 15 ? 0.2058 0.2063 0.3407 -0.0074 -0.0640 -0.0038 15  LYS A N    
144 C  CA   . LYS A 15 ? 0.2120 0.2340 0.3959 -0.0285 -0.0491 -0.0176 15  LYS A CA   
145 C  C    . LYS A 15 ? 0.2352 0.2410 0.3795 -0.0362 -0.0526 -0.0236 15  LYS A C    
146 O  O    . LYS A 15 ? 0.2354 0.3426 0.4139 -0.0640 -0.0555 0.0201  15  LYS A O    
147 C  CB   . LYS A 15 ? 0.2585 0.2303 0.3332 -0.0396 -0.0368 0.0116  15  LYS A CB   
148 C  CG   . LYS A 15 ? 0.2188 0.2673 0.3595 -0.0094 -0.0238 -0.0338 15  LYS A CG   
149 C  CD   . LYS A 15 ? 0.2476 0.2014 0.4872 0.0303  -0.0548 -0.0476 15  LYS A CD   
150 C  CE   . LYS A 15 ? 0.3268 0.2482 0.4398 -0.0026 0.0415  -0.0020 15  LYS A CE   
151 N  NZ   . LYS A 15 ? 0.3095 0.2317 0.3795 0.0424  -0.0411 0.0045  15  LYS A NZ   
152 N  N    . SER A 16 ? 0.1975 0.2635 0.3772 -0.0203 -0.0076 -0.0186 16  SER A N    
153 C  CA   . SER A 16 ? 0.2602 0.2989 0.3583 -0.0155 -0.0122 -0.0201 16  SER A CA   
154 C  C    . SER A 16 ? 0.2289 0.3412 0.3395 -0.0482 -0.0406 -0.0264 16  SER A C    
155 O  O    . SER A 16 ? 0.2748 0.4015 0.4140 0.0101  -0.0752 -0.1029 16  SER A O    
156 C  CB   A SER A 16 ? 0.3808 0.5412 0.3866 0.0672  0.0173  0.0609  16  SER A CB   
157 C  CB   B SER A 16 ? 0.3947 0.5012 0.4319 0.1035  0.0546  0.0603  16  SER A CB   
158 O  OG   A SER A 16 ? 0.4173 0.4083 0.3117 0.0039  -0.0392 0.0947  16  SER A OG   
159 O  OG   B SER A 16 ? 0.3264 0.3899 0.3782 0.0881  0.0038  -0.1271 16  SER A OG   
160 N  N    . ASN A 17 ? 0.1960 0.3001 0.3169 -0.0040 -0.0420 0.0431  17  ASN A N    
161 C  CA   . ASN A 17 ? 0.2122 0.3474 0.3637 0.0828  -0.0227 0.0537  17  ASN A CA   
162 C  C    . ASN A 17 ? 0.2532 0.4912 0.4402 0.1117  0.0549  0.1051  17  ASN A C    
163 O  O    . ASN A 17 ? 0.3012 0.7020 0.5388 0.1774  -0.0192 0.0584  17  ASN A O    
164 C  CB   . ASN A 17 ? 0.3063 0.3136 0.5458 0.1024  -0.0285 0.0062  17  ASN A CB   
165 C  CG   . ASN A 17 ? 0.2453 0.3566 0.5036 0.0469  -0.0998 -0.0029 17  ASN A CG   
166 O  OD1  . ASN A 17 ? 0.3234 0.3380 0.5201 0.0064  -0.0467 0.0183  17  ASN A OD1  
167 N  ND2  . ASN A 17 ? 0.3823 0.3316 0.6576 -0.0240 -0.1447 0.0376  17  ASN A ND2  
168 N  N    . NH2 A 18 ? 0.3045 0.5238 0.5832 0.1062  0.1193  0.1911  18  NH2 A N    
169 CL CL   . CL  B .  ? 0.5230 0.6567 0.9141 -0.0454 0.0533  0.0129  104 CL  A CL   
170 CA CA   . CA  C .  ? 0.1200 0.1666 0.2224 0.0228  0.0308  -0.0349 101 CA  A CA   
171 CA CA   . CA  D .  ? 0.1541 0.2181 0.2734 0.0142  0.0426  -0.0619 102 CA  A CA   
172 CA CA   . CA  E .  ? 0.1666 0.2174 0.3955 0.0323  -0.0123 -0.0629 103 CA  A CA   
173 O  O    . HOH F .  ? 0.3517 0.4386 0.4062 0.0862  0.0491  0.1015  105 HOH A O    
174 O  O    . HOH F .  ? 0.2121 0.3214 0.4405 -0.0039 -0.0229 -0.0453 106 HOH A O    
175 O  O    . HOH F .  ? 0.3743 0.2080 0.2910 0.0372  0.0619  -0.0235 107 HOH A O    
176 O  O    A HOH F .  ? 0.3059 0.4329 0.4137 0.0259  0.0581  -0.0584 108 HOH A O    
177 O  O    B HOH F .  ? 0.1372 0.1626 0.3544 0.0601  0.0204  -0.0088 108 HOH A O    
178 O  O    . HOH F .  ? 0.3488 0.3839 0.3130 0.1339  -0.0167 -0.0679 109 HOH A O    
179 O  O    . HOH F .  ? 0.2989 0.4875 0.5743 0.0920  0.0180  0.1769  110 HOH A O    
180 O  O    . HOH F .  ? 0.4090 0.4737 0.5842 0.1587  -0.0141 -0.0073 111 HOH A O    
181 O  O    . HOH F .  ? 0.3931 0.5029 0.4835 -0.0205 -0.0200 -0.0517 112 HOH A O    
182 O  O    . HOH F .  ? 0.4241 0.5708 0.4875 0.2095  0.0470  0.0893  113 HOH A O    
183 O  O    . HOH F .  ? 0.5581 0.3625 0.4638 0.0768  0.0136  -0.0354 114 HOH A O    
184 O  O    . HOH F .  ? 0.3246 0.3181 0.3619 0.0601  -0.0275 -0.0059 115 HOH A O    
185 O  O    . HOH F .  ? 0.7003 0.5137 0.7095 -0.0199 0.0115  -0.1714 116 HOH A O    
186 O  O    . HOH F .  ? 0.3820 0.4602 0.5748 0.0168  -0.1386 -0.0203 117 HOH A O    
187 O  O    . HOH F .  ? 0.2467 0.3686 0.3366 0.0506  0.0265  -0.0300 118 HOH A O    
188 O  O    . HOH F .  ? 0.3847 0.5656 0.5216 0.0843  -0.0486 -0.0656 119 HOH A O    
189 O  O    . HOH F .  ? 0.3730 0.6438 0.5943 0.0035  0.1574  -0.0082 120 HOH A O    
190 O  O    . HOH F .  ? 0.2997 0.3265 0.3404 0.0604  -0.0115 0.0405  121 HOH A O    
191 O  O    A HOH F .  ? 0.3034 0.2609 0.4660 -0.0927 -0.0205 -0.0752 122 HOH A O    
192 O  O    B HOH F .  ? 0.2506 0.3623 0.5315 0.0769  0.0432  -0.0279 122 HOH A O    
193 O  O    . HOH F .  ? 0.5109 0.4583 0.4178 -0.0389 0.1186  -0.0736 123 HOH A O    
194 O  O    . HOH F .  ? 0.5472 0.6196 0.6909 0.0187  0.1839  -0.0130 124 HOH A O    
195 O  O    . HOH F .  ? 0.5021 0.7132 0.7277 0.0850  -0.1940 -0.0183 125 HOH A O    
196 O  O    . HOH F .  ? 0.5243 0.5271 0.3969 0.0201  0.0262  -0.0899 126 HOH A O    
197 O  O    . HOH F .  ? 0.5992 0.7665 0.3749 0.0822  -0.0613 0.0799  127 HOH A O    
198 O  O    . HOH F .  ? 0.4970 0.5092 0.5471 0.0761  0.1227  -0.0372 128 HOH A O    
199 O  O    . HOH F .  ? 0.4726 0.4410 0.4476 0.0355  0.0708  -0.0191 129 HOH A O    
200 O  O    . HOH F .  ? 0.5231 0.5076 0.4147 0.0113  0.1352  0.0134  130 HOH A O    
201 O  O    . HOH F .  ? 0.5741 0.6418 0.4852 -0.1441 0.0575  -0.1174 131 HOH A O    
202 O  O    . HOH F .  ? 0.7142 0.7658 0.7665 0.0795  -0.0080 -0.0579 132 HOH A O    
203 O  O    . HOH F .  ? 0.3601 0.3275 0.5388 0.0672  0.0192  0.0780  133 HOH A O    
204 O  O    . HOH F .  ? 0.5121 0.6043 0.4566 0.0378  -0.0156 -0.0620 134 HOH A O    
205 O  O    . HOH F .  ? 0.1289 0.1655 0.2850 0.0219  0.0131  -0.0113 135 HOH A O    
206 O  O    . HOH F .  ? 0.1860 0.1993 0.2780 0.0372  0.0190  -0.0366 136 HOH A O    
207 O  O    . HOH F .  ? 0.1429 0.1969 0.2195 0.0325  0.0399  -0.0357 137 HOH A O    
208 O  O    . HOH F .  ? 0.1949 0.4206 0.2840 -0.0267 -0.0016 0.0081  138 HOH A O    
209 O  O    . HOH F .  ? 0.4368 0.3916 0.4445 0.0223  0.0226  0.0828  139 HOH A O    
210 O  O    . HOH F .  ? 0.3488 0.7398 0.4549 -0.0178 0.0966  -0.0681 140 HOH A O    
211 O  O    . HOH F .  ? 0.3364 0.3563 0.2914 0.0592  0.0397  -0.0785 141 HOH A O    
212 O  O    . HOH F .  ? 0.4713 0.5140 0.4482 0.0104  -0.0203 -0.0428 142 HOH A O    
213 O  O    . HOH F .  ? 0.5656 0.3820 0.5085 -0.1247 -0.0504 0.0229  143 HOH A O    
214 O  O    . HOH F .  ? 0.3710 0.6109 0.9516 0.0722  0.0838  0.0482  144 HOH A O    
215 O  O    . HOH F .  ? 0.7084 0.6789 0.6221 0.0356  -0.1375 -0.0616 145 HOH A O    
216 O  O    . HOH F .  ? 0.7129 0.8319 0.6226 0.0122  0.1090  0.0617  146 HOH A O    
217 O  O    . HOH F .  ? 0.8321 0.7997 0.7731 -0.1187 0.1867  -0.0097 147 HOH A O    
218 O  O    . HOH F .  ? 0.8154 0.6111 1.0224 -0.0636 -0.0892 0.1827  148 HOH A O    
219 O  O    . HOH F .  ? 0.9197 0.7482 0.7087 0.1546  0.1653  -0.0461 149 HOH A O    
220 O  O    . HOH F .  ? 0.7579 0.5006 0.7725 -0.0361 0.0881  -0.0729 150 HOH A O    
221 O  O    . HOH F .  ? 0.5329 0.9679 0.8193 -0.0435 -0.0457 -0.0780 151 HOH A O    
222 O  O    . HOH F .  ? 0.6553 0.9791 0.9242 0.0255  -0.0723 0.0983  152 HOH A O    
223 O  O    . HOH F .  ? 0.4568 0.8030 0.7306 -0.0044 -0.1033 0.0118  153 HOH A O    
224 O  O    . HOH F .  ? 0.6377 0.6584 0.8401 -0.1403 -0.2069 -0.0779 154 HOH A O    
225 O  O    . HOH F .  ? 0.6322 0.6490 0.4536 0.0240  0.0396  -0.0103 155 HOH A O    
226 O  O    . HOH F .  ? 0.6886 0.8174 0.6572 -0.0129 0.0788  -0.0652 156 HOH A O    
227 O  O    . HOH F .  ? 0.8693 0.6952 0.7756 -0.0264 0.0307  -0.0231 157 HOH A O    
228 O  O    . HOH F .  ? 0.6718 0.6186 0.9193 0.0150  -0.0685 -0.1443 158 HOH A O    
229 O  O    . HOH F .  ? 0.6318 0.5806 0.8490 -0.1385 0.2191  -0.0340 159 HOH A O    
230 O  O    . HOH F .  ? 0.6522 0.4673 0.7967 0.0696  -0.0297 -0.0106 160 HOH A O    
231 O  O    . HOH F .  ? 0.4288 0.7659 0.7987 0.0470  -0.0880 0.0764  161 HOH A O    
232 O  O    . HOH F .  ? 0.8524 0.6140 0.7461 -0.1066 -0.0123 0.0833  162 HOH A O    
233 O  O    . HOH F .  ? 0.7507 0.9033 0.6811 -0.0002 0.1074  0.0374  163 HOH A O    
234 O  O    . HOH F .  ? 0.6618 0.5731 0.5144 0.1640  0.0436  -0.0258 164 HOH A O    
235 O  O    . HOH F .  ? 0.8518 0.5864 0.6598 -0.1215 0.0212  0.0345  165 HOH A O    
236 O  O    . HOH F .  ? 0.8638 0.8622 0.9710 -0.0448 0.0496  -0.0390 166 HOH A O    
237 O  O    . HOH F .  ? 0.8319 0.7727 0.4861 -0.0975 -0.0834 0.0776  167 HOH A O    
238 O  O    . HOH F .  ? 0.6132 0.8929 0.6212 0.0039  -0.1621 -0.0507 168 HOH A O    
239 O  O    . HOH F .  ? 0.7646 0.9375 0.6754 0.0139  0.0082  0.1102  169 HOH A O    
240 O  O    . HOH F .  ? 0.4539 0.5658 0.4879 -0.0110 0.0019  0.1972  170 HOH A O    
241 O  O    . HOH F .  ? 0.6162 0.6566 0.8439 -0.0290 -0.0339 0.0108  171 HOH A O    
# 
